data_104D
# 
_entry.id   104D 
# 
_audit_conform.dict_name       mmcif_pdbx.dic 
_audit_conform.dict_version    5.392 
_audit_conform.dict_location   http://mmcif.pdb.org/dictionaries/ascii/mmcif_pdbx.dic 
# 
loop_
_database_2.database_id 
_database_2.database_code 
_database_2.pdbx_database_accession 
_database_2.pdbx_DOI 
PDB   104D         pdb_0000104d 10.2210/pdb104d/pdb 
WWPDB D_1000170010 ?            ?                   
# 
loop_
_pdbx_audit_revision_history.ordinal 
_pdbx_audit_revision_history.data_content_type 
_pdbx_audit_revision_history.major_revision 
_pdbx_audit_revision_history.minor_revision 
_pdbx_audit_revision_history.revision_date 
1 'Structure model' 1 0 1995-03-31 
2 'Structure model' 1 1 2008-03-24 
3 'Structure model' 1 2 2011-07-13 
4 'Structure model' 1 3 2022-02-16 
5 'Structure model' 1 4 2024-05-22 
# 
_pdbx_audit_revision_details.ordinal             1 
_pdbx_audit_revision_details.revision_ordinal    1 
_pdbx_audit_revision_details.data_content_type   'Structure model' 
_pdbx_audit_revision_details.provider            repository 
_pdbx_audit_revision_details.type                'Initial release' 
_pdbx_audit_revision_details.description         ? 
_pdbx_audit_revision_details.details             ? 
# 
loop_
_pdbx_audit_revision_group.ordinal 
_pdbx_audit_revision_group.revision_ordinal 
_pdbx_audit_revision_group.data_content_type 
_pdbx_audit_revision_group.group 
1 2 'Structure model' 'Version format compliance' 
2 3 'Structure model' 'Version format compliance' 
3 4 'Structure model' 'Data collection'           
4 4 'Structure model' 'Database references'       
5 4 'Structure model' 'Derived calculations'      
6 4 'Structure model' Other                       
7 5 'Structure model' 'Data collection'           
# 
loop_
_pdbx_audit_revision_category.ordinal 
_pdbx_audit_revision_category.revision_ordinal 
_pdbx_audit_revision_category.data_content_type 
_pdbx_audit_revision_category.category 
1 4 'Structure model' database_2            
2 4 'Structure model' pdbx_database_status  
3 4 'Structure model' pdbx_nmr_software     
4 4 'Structure model' pdbx_struct_assembly  
5 4 'Structure model' pdbx_struct_oper_list 
6 5 'Structure model' chem_comp_atom        
7 5 'Structure model' chem_comp_bond        
# 
loop_
_pdbx_audit_revision_item.ordinal 
_pdbx_audit_revision_item.revision_ordinal 
_pdbx_audit_revision_item.data_content_type 
_pdbx_audit_revision_item.item 
1 4 'Structure model' '_database_2.pdbx_DOI'                
2 4 'Structure model' '_database_2.pdbx_database_accession' 
3 4 'Structure model' '_pdbx_database_status.process_site'  
4 4 'Structure model' '_pdbx_nmr_software.name'             
# 
_pdbx_database_status.status_code                     REL 
_pdbx_database_status.entry_id                        104D 
_pdbx_database_status.recvd_initial_deposition_date   1994-12-16 
_pdbx_database_status.deposit_site                    ? 
_pdbx_database_status.process_site                    BNL 
_pdbx_database_status.SG_entry                        . 
_pdbx_database_status.pdb_format_compatible           Y 
_pdbx_database_status.status_code_mr                  ? 
_pdbx_database_status.status_code_sf                  ? 
_pdbx_database_status.status_code_cs                  ? 
_pdbx_database_status.status_code_nmr_data            ? 
_pdbx_database_status.methods_development_category    ? 
# 
loop_
_audit_author.name 
_audit_author.pdbx_ordinal 
'Zhu, L.'     1 
'Salazar, M.' 2 
'Reid, B.R.'  3 
# 
_citation.id                        primary 
_citation.title                     
'DNA duplexes flanked by hybrid duplexes: the solution structure of chimeric junctions in [r(cgcg)d(TATACGCG)]2.' 
_citation.journal_abbrev            Biochemistry 
_citation.journal_volume            34 
_citation.page_first                2372 
_citation.page_last                 2380 
_citation.year                      1995 
_citation.journal_id_ASTM           BICHAW 
_citation.country                   US 
_citation.journal_id_ISSN           0006-2960 
_citation.journal_id_CSD            0033 
_citation.book_publisher            ? 
_citation.pdbx_database_id_PubMed   7857947 
_citation.pdbx_database_id_DOI      10.1021/bi00007a033 
# 
loop_
_citation_author.citation_id 
_citation_author.name 
_citation_author.ordinal 
_citation_author.identifier_ORCID 
primary 'Zhu, L.'     1 ? 
primary 'Salazar, M.' 2 ? 
primary 'Reid, B.R.'  3 ? 
# 
_entity.id                         1 
_entity.type                       polymer 
_entity.src_method                 syn 
_entity.pdbx_description           
;DNA/RNA (5'-R(*CP*GP*CP*G)-D(P*TP*AP*TP*AP*CP*GP*CP*G)-3')
;
_entity.formula_weight             3727.392 
_entity.pdbx_number_of_molecules   2 
_entity.pdbx_ec                    ? 
_entity.pdbx_mutation              ? 
_entity.pdbx_fragment              ? 
_entity.details                    ? 
# 
_entity_keywords.entity_id   1 
_entity_keywords.text        'DEOXYRIBONUCLEIC ACID/RIBONUCLEIC ACID' 
# 
_entity_poly.entity_id                      1 
_entity_poly.type                           'polydeoxyribonucleotide/polyribonucleotide hybrid' 
_entity_poly.nstd_linkage                   no 
_entity_poly.nstd_monomer                   no 
_entity_poly.pdbx_seq_one_letter_code       'CGCG(DT)(DA)(DT)(DA)(DC)(DG)(DC)(DG)' 
_entity_poly.pdbx_seq_one_letter_code_can   CGCGTATACGCG 
_entity_poly.pdbx_strand_id                 A,B 
_entity_poly.pdbx_target_identifier         ? 
# 
loop_
_entity_poly_seq.entity_id 
_entity_poly_seq.num 
_entity_poly_seq.mon_id 
_entity_poly_seq.hetero 
1 1  C  n 
1 2  G  n 
1 3  C  n 
1 4  G  n 
1 5  DT n 
1 6  DA n 
1 7  DT n 
1 8  DA n 
1 9  DC n 
1 10 DG n 
1 11 DC n 
1 12 DG n 
# 
_pdbx_entity_src_syn.entity_id              1 
_pdbx_entity_src_syn.pdbx_src_id            1 
_pdbx_entity_src_syn.pdbx_alt_source_flag   sample 
_pdbx_entity_src_syn.pdbx_beg_seq_num       ? 
_pdbx_entity_src_syn.pdbx_end_seq_num       ? 
_pdbx_entity_src_syn.organism_scientific    ? 
_pdbx_entity_src_syn.organism_common_name   ? 
_pdbx_entity_src_syn.ncbi_taxonomy_id       ? 
_pdbx_entity_src_syn.details                'CHEMICALLY SYNTHESIZED' 
# 
loop_
_chem_comp.id 
_chem_comp.type 
_chem_comp.mon_nstd_flag 
_chem_comp.name 
_chem_comp.pdbx_synonyms 
_chem_comp.formula 
_chem_comp.formula_weight 
C  'RNA linking' y "CYTIDINE-5'-MONOPHOSPHATE"          ? 'C9 H14 N3 O8 P'  323.197 
DA 'DNA linking' y "2'-DEOXYADENOSINE-5'-MONOPHOSPHATE" ? 'C10 H14 N5 O6 P' 331.222 
DC 'DNA linking' y "2'-DEOXYCYTIDINE-5'-MONOPHOSPHATE"  ? 'C9 H14 N3 O7 P'  307.197 
DG 'DNA linking' y "2'-DEOXYGUANOSINE-5'-MONOPHOSPHATE" ? 'C10 H14 N5 O7 P' 347.221 
DT 'DNA linking' y "THYMIDINE-5'-MONOPHOSPHATE"         ? 'C10 H15 N2 O8 P' 322.208 
G  'RNA linking' y "GUANOSINE-5'-MONOPHOSPHATE"         ? 'C10 H14 N5 O8 P' 363.221 
# 
loop_
_pdbx_poly_seq_scheme.asym_id 
_pdbx_poly_seq_scheme.entity_id 
_pdbx_poly_seq_scheme.seq_id 
_pdbx_poly_seq_scheme.mon_id 
_pdbx_poly_seq_scheme.ndb_seq_num 
_pdbx_poly_seq_scheme.pdb_seq_num 
_pdbx_poly_seq_scheme.auth_seq_num 
_pdbx_poly_seq_scheme.pdb_mon_id 
_pdbx_poly_seq_scheme.auth_mon_id 
_pdbx_poly_seq_scheme.pdb_strand_id 
_pdbx_poly_seq_scheme.pdb_ins_code 
_pdbx_poly_seq_scheme.hetero 
A 1 1  C  1  1  1  C  C A . n 
A 1 2  G  2  2  2  G  G A . n 
A 1 3  C  3  3  3  C  C A . n 
A 1 4  G  4  4  4  G  G A . n 
A 1 5  DT 5  5  5  DT T A . n 
A 1 6  DA 6  6  6  DA A A . n 
A 1 7  DT 7  7  7  DT T A . n 
A 1 8  DA 8  8  8  DA A A . n 
A 1 9  DC 9  9  9  DC C A . n 
A 1 10 DG 10 10 10 DG G A . n 
A 1 11 DC 11 11 11 DC C A . n 
A 1 12 DG 12 12 12 DG G A . n 
B 1 1  C  1  13 13 C  C B . n 
B 1 2  G  2  14 14 G  G B . n 
B 1 3  C  3  15 15 C  C B . n 
B 1 4  G  4  16 16 G  G B . n 
B 1 5  DT 5  17 17 DT T B . n 
B 1 6  DA 6  18 18 DA A B . n 
B 1 7  DT 7  19 19 DT T B . n 
B 1 8  DA 8  20 20 DA A B . n 
B 1 9  DC 9  21 21 DC C B . n 
B 1 10 DG 10 22 22 DG G B . n 
B 1 11 DC 11 23 23 DC C B . n 
B 1 12 DG 12 24 24 DG G B . n 
# 
_software.name             AMBER 
_software.classification   refinement 
_software.version          . 
_software.citation_id      ? 
_software.pdbx_ordinal     1 
# 
_cell.entry_id           104D 
_cell.length_a           1.000 
_cell.length_b           1.000 
_cell.length_c           1.000 
_cell.angle_alpha        90.00 
_cell.angle_beta         90.00 
_cell.angle_gamma        90.00 
_cell.Z_PDB              1 
_cell.pdbx_unique_axis   ? 
# 
_symmetry.entry_id                         104D 
_symmetry.space_group_name_H-M             'P 1' 
_symmetry.pdbx_full_space_group_name_H-M   ? 
_symmetry.cell_setting                     ? 
_symmetry.Int_Tables_number                1 
# 
_exptl.entry_id          104D 
_exptl.method            'SOLUTION NMR' 
_exptl.crystals_number   ? 
# 
_struct.entry_id                  104D 
_struct.title                     'DNA DUPLEXES FLANKED BY HYBRID DUPLEXES: THE SOLUTION STRUCTURE OF CHIMERIC JUNCTIONS IN' 
_struct.pdbx_model_details        ? 
_struct.pdbx_CASP_flag            ? 
_struct.pdbx_model_type_details   ? 
# 
_struct_keywords.entry_id        104D 
_struct_keywords.pdbx_keywords   'DNA-RNA HYBRID' 
_struct_keywords.text            'DNA, RNA, JUNCTION, HYBRID, DUPLEX, DNA-RNA COMPLEX, DNA-RNA HYBRID' 
# 
loop_
_struct_asym.id 
_struct_asym.pdbx_blank_PDB_chainid_flag 
_struct_asym.pdbx_modified 
_struct_asym.entity_id 
_struct_asym.details 
A N N 1 ? 
B N N 1 ? 
# 
_struct_ref.id                         1 
_struct_ref.entity_id                  1 
_struct_ref.db_name                    PDB 
_struct_ref.db_code                    104D 
_struct_ref.pdbx_db_accession          104D 
_struct_ref.pdbx_db_isoform            ? 
_struct_ref.pdbx_seq_one_letter_code   ? 
_struct_ref.pdbx_align_begin           ? 
# 
loop_
_struct_ref_seq.align_id 
_struct_ref_seq.ref_id 
_struct_ref_seq.pdbx_PDB_id_code 
_struct_ref_seq.pdbx_strand_id 
_struct_ref_seq.seq_align_beg 
_struct_ref_seq.pdbx_seq_align_beg_ins_code 
_struct_ref_seq.seq_align_end 
_struct_ref_seq.pdbx_seq_align_end_ins_code 
_struct_ref_seq.pdbx_db_accession 
_struct_ref_seq.db_align_beg 
_struct_ref_seq.pdbx_db_align_beg_ins_code 
_struct_ref_seq.db_align_end 
_struct_ref_seq.pdbx_db_align_end_ins_code 
_struct_ref_seq.pdbx_auth_seq_align_beg 
_struct_ref_seq.pdbx_auth_seq_align_end 
1 1 104D A 1 ? 12 ? 104D 1  ? 12 ? 1  12 
2 1 104D B 1 ? 12 ? 104D 13 ? 24 ? 13 24 
# 
_pdbx_struct_assembly.id                   1 
_pdbx_struct_assembly.details              author_defined_assembly 
_pdbx_struct_assembly.method_details       ? 
_pdbx_struct_assembly.oligomeric_details   dimeric 
_pdbx_struct_assembly.oligomeric_count     2 
# 
_pdbx_struct_assembly_gen.assembly_id       1 
_pdbx_struct_assembly_gen.oper_expression   1 
_pdbx_struct_assembly_gen.asym_id_list      A,B 
# 
_pdbx_struct_oper_list.id                   1 
_pdbx_struct_oper_list.type                 'identity operation' 
_pdbx_struct_oper_list.name                 1_555 
_pdbx_struct_oper_list.symmetry_operation   x,y,z 
_pdbx_struct_oper_list.matrix[1][1]         1.0000000000 
_pdbx_struct_oper_list.matrix[1][2]         0.0000000000 
_pdbx_struct_oper_list.matrix[1][3]         0.0000000000 
_pdbx_struct_oper_list.vector[1]            0.0000000000 
_pdbx_struct_oper_list.matrix[2][1]         0.0000000000 
_pdbx_struct_oper_list.matrix[2][2]         1.0000000000 
_pdbx_struct_oper_list.matrix[2][3]         0.0000000000 
_pdbx_struct_oper_list.vector[2]            0.0000000000 
_pdbx_struct_oper_list.matrix[3][1]         0.0000000000 
_pdbx_struct_oper_list.matrix[3][2]         0.0000000000 
_pdbx_struct_oper_list.matrix[3][3]         1.0000000000 
_pdbx_struct_oper_list.vector[3]            0.0000000000 
# 
_struct_biol.id   1 
# 
loop_
_struct_conn.id 
_struct_conn.conn_type_id 
_struct_conn.pdbx_leaving_atom_flag 
_struct_conn.pdbx_PDB_id 
_struct_conn.ptnr1_label_asym_id 
_struct_conn.ptnr1_label_comp_id 
_struct_conn.ptnr1_label_seq_id 
_struct_conn.ptnr1_label_atom_id 
_struct_conn.pdbx_ptnr1_label_alt_id 
_struct_conn.pdbx_ptnr1_PDB_ins_code 
_struct_conn.pdbx_ptnr1_standard_comp_id 
_struct_conn.ptnr1_symmetry 
_struct_conn.ptnr2_label_asym_id 
_struct_conn.ptnr2_label_comp_id 
_struct_conn.ptnr2_label_seq_id 
_struct_conn.ptnr2_label_atom_id 
_struct_conn.pdbx_ptnr2_label_alt_id 
_struct_conn.pdbx_ptnr2_PDB_ins_code 
_struct_conn.ptnr1_auth_asym_id 
_struct_conn.ptnr1_auth_comp_id 
_struct_conn.ptnr1_auth_seq_id 
_struct_conn.ptnr2_auth_asym_id 
_struct_conn.ptnr2_auth_comp_id 
_struct_conn.ptnr2_auth_seq_id 
_struct_conn.ptnr2_symmetry 
_struct_conn.pdbx_ptnr3_label_atom_id 
_struct_conn.pdbx_ptnr3_label_seq_id 
_struct_conn.pdbx_ptnr3_label_comp_id 
_struct_conn.pdbx_ptnr3_label_asym_id 
_struct_conn.pdbx_ptnr3_label_alt_id 
_struct_conn.pdbx_ptnr3_PDB_ins_code 
_struct_conn.details 
_struct_conn.pdbx_dist_value 
_struct_conn.pdbx_value_order 
_struct_conn.pdbx_role 
hydrog1  hydrog ? ? A C  1  N3 ? ? ? 1_555 B DG 12 N1 ? ? A C  1  B DG 24 1_555 ? ? ? ? ? ? WATSON-CRICK ? ? ? 
hydrog2  hydrog ? ? A C  1  N4 ? ? ? 1_555 B DG 12 O6 ? ? A C  1  B DG 24 1_555 ? ? ? ? ? ? WATSON-CRICK ? ? ? 
hydrog3  hydrog ? ? A C  1  O2 ? ? ? 1_555 B DG 12 N2 ? ? A C  1  B DG 24 1_555 ? ? ? ? ? ? WATSON-CRICK ? ? ? 
hydrog4  hydrog ? ? A G  2  N1 ? ? ? 1_555 B DC 11 N3 ? ? A G  2  B DC 23 1_555 ? ? ? ? ? ? WATSON-CRICK ? ? ? 
hydrog5  hydrog ? ? A G  2  N2 ? ? ? 1_555 B DC 11 O2 ? ? A G  2  B DC 23 1_555 ? ? ? ? ? ? WATSON-CRICK ? ? ? 
hydrog6  hydrog ? ? A G  2  O6 ? ? ? 1_555 B DC 11 N4 ? ? A G  2  B DC 23 1_555 ? ? ? ? ? ? WATSON-CRICK ? ? ? 
hydrog7  hydrog ? ? A C  3  N3 ? ? ? 1_555 B DG 10 N1 ? ? A C  3  B DG 22 1_555 ? ? ? ? ? ? WATSON-CRICK ? ? ? 
hydrog8  hydrog ? ? A C  3  N4 ? ? ? 1_555 B DG 10 O6 ? ? A C  3  B DG 22 1_555 ? ? ? ? ? ? WATSON-CRICK ? ? ? 
hydrog9  hydrog ? ? A C  3  O2 ? ? ? 1_555 B DG 10 N2 ? ? A C  3  B DG 22 1_555 ? ? ? ? ? ? WATSON-CRICK ? ? ? 
hydrog10 hydrog ? ? A G  4  N1 ? ? ? 1_555 B DC 9  N3 ? ? A G  4  B DC 21 1_555 ? ? ? ? ? ? WATSON-CRICK ? ? ? 
hydrog11 hydrog ? ? A G  4  N2 ? ? ? 1_555 B DC 9  O2 ? ? A G  4  B DC 21 1_555 ? ? ? ? ? ? WATSON-CRICK ? ? ? 
hydrog12 hydrog ? ? A G  4  O6 ? ? ? 1_555 B DC 9  N4 ? ? A G  4  B DC 21 1_555 ? ? ? ? ? ? WATSON-CRICK ? ? ? 
hydrog13 hydrog ? ? A DT 5  N3 ? ? ? 1_555 B DA 8  N1 ? ? A DT 5  B DA 20 1_555 ? ? ? ? ? ? WATSON-CRICK ? ? ? 
hydrog14 hydrog ? ? A DT 5  O4 ? ? ? 1_555 B DA 8  N6 ? ? A DT 5  B DA 20 1_555 ? ? ? ? ? ? WATSON-CRICK ? ? ? 
hydrog15 hydrog ? ? A DA 6  N1 ? ? ? 1_555 B DT 7  N3 ? ? A DA 6  B DT 19 1_555 ? ? ? ? ? ? WATSON-CRICK ? ? ? 
hydrog16 hydrog ? ? A DA 6  N6 ? ? ? 1_555 B DT 7  O4 ? ? A DA 6  B DT 19 1_555 ? ? ? ? ? ? WATSON-CRICK ? ? ? 
hydrog17 hydrog ? ? A DT 7  N3 ? ? ? 1_555 B DA 6  N1 ? ? A DT 7  B DA 18 1_555 ? ? ? ? ? ? WATSON-CRICK ? ? ? 
hydrog18 hydrog ? ? A DT 7  O4 ? ? ? 1_555 B DA 6  N6 ? ? A DT 7  B DA 18 1_555 ? ? ? ? ? ? WATSON-CRICK ? ? ? 
hydrog19 hydrog ? ? A DA 8  N1 ? ? ? 1_555 B DT 5  N3 ? ? A DA 8  B DT 17 1_555 ? ? ? ? ? ? WATSON-CRICK ? ? ? 
hydrog20 hydrog ? ? A DA 8  N6 ? ? ? 1_555 B DT 5  O4 ? ? A DA 8  B DT 17 1_555 ? ? ? ? ? ? WATSON-CRICK ? ? ? 
hydrog21 hydrog ? ? A DC 9  N3 ? ? ? 1_555 B G  4  N1 ? ? A DC 9  B G  16 1_555 ? ? ? ? ? ? WATSON-CRICK ? ? ? 
hydrog22 hydrog ? ? A DC 9  N4 ? ? ? 1_555 B G  4  O6 ? ? A DC 9  B G  16 1_555 ? ? ? ? ? ? WATSON-CRICK ? ? ? 
hydrog23 hydrog ? ? A DC 9  O2 ? ? ? 1_555 B G  4  N2 ? ? A DC 9  B G  16 1_555 ? ? ? ? ? ? WATSON-CRICK ? ? ? 
hydrog24 hydrog ? ? A DG 10 N1 ? ? ? 1_555 B C  3  N3 ? ? A DG 10 B C  15 1_555 ? ? ? ? ? ? WATSON-CRICK ? ? ? 
hydrog25 hydrog ? ? A DG 10 N2 ? ? ? 1_555 B C  3  O2 ? ? A DG 10 B C  15 1_555 ? ? ? ? ? ? WATSON-CRICK ? ? ? 
hydrog26 hydrog ? ? A DG 10 O6 ? ? ? 1_555 B C  3  N4 ? ? A DG 10 B C  15 1_555 ? ? ? ? ? ? WATSON-CRICK ? ? ? 
hydrog27 hydrog ? ? A DC 11 N3 ? ? ? 1_555 B G  2  N1 ? ? A DC 11 B G  14 1_555 ? ? ? ? ? ? WATSON-CRICK ? ? ? 
hydrog28 hydrog ? ? A DC 11 N4 ? ? ? 1_555 B G  2  O6 ? ? A DC 11 B G  14 1_555 ? ? ? ? ? ? WATSON-CRICK ? ? ? 
hydrog29 hydrog ? ? A DC 11 O2 ? ? ? 1_555 B G  2  N2 ? ? A DC 11 B G  14 1_555 ? ? ? ? ? ? WATSON-CRICK ? ? ? 
hydrog30 hydrog ? ? A DG 12 N1 ? ? ? 1_555 B C  1  N3 ? ? A DG 12 B C  13 1_555 ? ? ? ? ? ? WATSON-CRICK ? ? ? 
hydrog31 hydrog ? ? A DG 12 N2 ? ? ? 1_555 B C  1  O2 ? ? A DG 12 B C  13 1_555 ? ? ? ? ? ? WATSON-CRICK ? ? ? 
hydrog32 hydrog ? ? A DG 12 O6 ? ? ? 1_555 B C  1  N4 ? ? A DG 12 B C  13 1_555 ? ? ? ? ? ? WATSON-CRICK ? ? ? 
# 
_struct_conn_type.id          hydrog 
_struct_conn_type.criteria    ? 
_struct_conn_type.reference   ? 
# 
_pdbx_validate_rmsd_bond.id                        1 
_pdbx_validate_rmsd_bond.PDB_model_num             1 
_pdbx_validate_rmsd_bond.auth_atom_id_1            C8 
_pdbx_validate_rmsd_bond.auth_asym_id_1            B 
_pdbx_validate_rmsd_bond.auth_comp_id_1            G 
_pdbx_validate_rmsd_bond.auth_seq_id_1             14 
_pdbx_validate_rmsd_bond.PDB_ins_code_1            ? 
_pdbx_validate_rmsd_bond.label_alt_id_1            ? 
_pdbx_validate_rmsd_bond.auth_atom_id_2            N9 
_pdbx_validate_rmsd_bond.auth_asym_id_2            B 
_pdbx_validate_rmsd_bond.auth_comp_id_2            G 
_pdbx_validate_rmsd_bond.auth_seq_id_2             14 
_pdbx_validate_rmsd_bond.PDB_ins_code_2            ? 
_pdbx_validate_rmsd_bond.label_alt_id_2            ? 
_pdbx_validate_rmsd_bond.bond_value                1.332 
_pdbx_validate_rmsd_bond.bond_target_value         1.374 
_pdbx_validate_rmsd_bond.bond_deviation            -0.042 
_pdbx_validate_rmsd_bond.bond_standard_deviation   0.007 
_pdbx_validate_rmsd_bond.linker_flag               N 
# 
loop_
_pdbx_validate_rmsd_angle.id 
_pdbx_validate_rmsd_angle.PDB_model_num 
_pdbx_validate_rmsd_angle.auth_atom_id_1 
_pdbx_validate_rmsd_angle.auth_asym_id_1 
_pdbx_validate_rmsd_angle.auth_comp_id_1 
_pdbx_validate_rmsd_angle.auth_seq_id_1 
_pdbx_validate_rmsd_angle.PDB_ins_code_1 
_pdbx_validate_rmsd_angle.label_alt_id_1 
_pdbx_validate_rmsd_angle.auth_atom_id_2 
_pdbx_validate_rmsd_angle.auth_asym_id_2 
_pdbx_validate_rmsd_angle.auth_comp_id_2 
_pdbx_validate_rmsd_angle.auth_seq_id_2 
_pdbx_validate_rmsd_angle.PDB_ins_code_2 
_pdbx_validate_rmsd_angle.label_alt_id_2 
_pdbx_validate_rmsd_angle.auth_atom_id_3 
_pdbx_validate_rmsd_angle.auth_asym_id_3 
_pdbx_validate_rmsd_angle.auth_comp_id_3 
_pdbx_validate_rmsd_angle.auth_seq_id_3 
_pdbx_validate_rmsd_angle.PDB_ins_code_3 
_pdbx_validate_rmsd_angle.label_alt_id_3 
_pdbx_validate_rmsd_angle.angle_value 
_pdbx_validate_rmsd_angle.angle_target_value 
_pdbx_validate_rmsd_angle.angle_deviation 
_pdbx_validate_rmsd_angle.angle_standard_deviation 
_pdbx_validate_rmsd_angle.linker_flag 
1  1 "C3'" A C  1  ? ? "C2'" A C  1  ? ? "C1'" A C  1  ? ? 106.82 101.50 5.32 0.80 N 
2  1 "O4'" A C  1  ? ? "C1'" A C  1  ? ? N1    A C  1  ? ? 115.14 108.50 6.64 0.70 N 
3  1 "C5'" A G  2  ? ? "C4'" A G  2  ? ? "O4'" A G  2  ? ? 115.81 109.80 6.01 0.90 N 
4  1 "O4'" A G  2  ? ? "C1'" A G  2  ? ? N9    A G  2  ? ? 115.81 108.50 7.31 0.70 N 
5  1 N7    A G  2  ? ? C8    A G  2  ? ? N9    A G  2  ? ? 116.96 113.10 3.86 0.50 N 
6  1 "C5'" A C  3  ? ? "C4'" A C  3  ? ? "O4'" A C  3  ? ? 116.18 109.80 6.38 0.90 N 
7  1 "O4'" A C  3  ? ? "C1'" A C  3  ? ? N1    A C  3  ? ? 114.12 108.50 5.62 0.70 N 
8  1 "O4'" A G  4  ? ? "C1'" A G  4  ? ? N9    A G  4  ? ? 113.78 108.50 5.28 0.70 N 
9  1 "O4'" A DT 5  ? ? "C1'" A DT 5  ? ? N1    A DT 5  ? ? 113.99 108.30 5.69 0.30 N 
10 1 "O4'" A DA 6  ? ? "C1'" A DA 6  ? ? N9    A DA 6  ? ? 110.81 108.30 2.51 0.30 N 
11 1 "O4'" A DT 7  ? ? "C1'" A DT 7  ? ? N1    A DT 7  ? ? 112.99 108.30 4.69 0.30 N 
12 1 "O4'" A DC 9  ? ? "C1'" A DC 9  ? ? N1    A DC 9  ? ? 113.24 108.30 4.94 0.30 N 
13 1 "O4'" A DG 10 ? ? "C1'" A DG 10 ? ? N9    A DG 10 ? ? 115.49 108.30 7.19 0.30 N 
14 1 "O4'" A DG 12 ? ? "C1'" A DG 12 ? ? N9    A DG 12 ? ? 112.27 108.30 3.97 0.30 N 
15 1 "C3'" B C  13 ? ? "C2'" B C  13 ? ? "C1'" B C  13 ? ? 106.59 101.50 5.09 0.80 N 
16 1 "O4'" B C  13 ? ? "C1'" B C  13 ? ? N1    B C  13 ? ? 114.80 108.50 6.30 0.70 N 
17 1 "C5'" B G  14 ? ? "C4'" B G  14 ? ? "O4'" B G  14 ? ? 115.99 109.80 6.19 0.90 N 
18 1 "O4'" B G  14 ? ? "C1'" B G  14 ? ? N9    B G  14 ? ? 115.81 108.50 7.31 0.70 N 
19 1 N7    B G  14 ? ? C8    B G  14 ? ? N9    B G  14 ? ? 116.98 113.10 3.88 0.50 N 
20 1 "C5'" B C  15 ? ? "C4'" B C  15 ? ? "O4'" B C  15 ? ? 116.19 109.80 6.39 0.90 N 
21 1 "O4'" B C  15 ? ? "C1'" B C  15 ? ? N1    B C  15 ? ? 114.43 108.50 5.93 0.70 N 
22 1 "O4'" B G  16 ? ? "C1'" B G  16 ? ? N9    B G  16 ? ? 113.85 108.50 5.35 0.70 N 
23 1 "O4'" B DT 17 ? ? "C1'" B DT 17 ? ? N1    B DT 17 ? ? 114.01 108.30 5.71 0.30 N 
24 1 "O4'" B DA 18 ? ? "C1'" B DA 18 ? ? N9    B DA 18 ? ? 110.76 108.30 2.46 0.30 N 
25 1 "O4'" B DT 19 ? ? "C1'" B DT 19 ? ? N1    B DT 19 ? ? 112.93 108.30 4.63 0.30 N 
26 1 "O4'" B DC 21 ? ? "C1'" B DC 21 ? ? N1    B DC 21 ? ? 113.27 108.30 4.97 0.30 N 
27 1 "O4'" B DG 22 ? ? "C1'" B DG 22 ? ? N9    B DG 22 ? ? 115.60 108.30 7.30 0.30 N 
28 1 "O4'" B DG 24 ? ? "C1'" B DG 24 ? ? N9    B DG 24 ? ? 112.06 108.30 3.76 0.30 N 
# 
loop_
_pdbx_validate_planes.id 
_pdbx_validate_planes.PDB_model_num 
_pdbx_validate_planes.auth_comp_id 
_pdbx_validate_planes.auth_asym_id 
_pdbx_validate_planes.auth_seq_id 
_pdbx_validate_planes.PDB_ins_code 
_pdbx_validate_planes.label_alt_id 
_pdbx_validate_planes.rmsd 
_pdbx_validate_planes.type 
1 1 G  A 2  ? ? 0.068 'SIDE CHAIN' 
2 1 DT A 5  ? ? 0.073 'SIDE CHAIN' 
3 1 DA A 6  ? ? 0.129 'SIDE CHAIN' 
4 1 DT A 7  ? ? 0.081 'SIDE CHAIN' 
5 1 G  B 14 ? ? 0.066 'SIDE CHAIN' 
6 1 DT B 17 ? ? 0.076 'SIDE CHAIN' 
7 1 DA B 18 ? ? 0.126 'SIDE CHAIN' 
8 1 DT B 19 ? ? 0.081 'SIDE CHAIN' 
# 
_pdbx_nmr_ensemble.entry_id                                      104D 
_pdbx_nmr_ensemble.conformers_calculated_total_number            ? 
_pdbx_nmr_ensemble.conformers_submitted_total_number             1 
_pdbx_nmr_ensemble.conformer_selection_criteria                  ? 
_pdbx_nmr_ensemble.average_constraints_per_residue               ? 
_pdbx_nmr_ensemble.average_constraint_violations_per_residue     ? 
_pdbx_nmr_ensemble.maximum_distance_constraint_violation         ? 
_pdbx_nmr_ensemble.average_distance_constraint_violation         ? 
_pdbx_nmr_ensemble.maximum_upper_distance_constraint_violation   ? 
_pdbx_nmr_ensemble.maximum_lower_distance_constraint_violation   ? 
_pdbx_nmr_ensemble.distance_constraint_violation_method          ? 
_pdbx_nmr_ensemble.maximum_torsion_angle_constraint_violation    ? 
_pdbx_nmr_ensemble.average_torsion_angle_constraint_violation    ? 
_pdbx_nmr_ensemble.torsion_angle_constraint_violation_method     ? 
# 
_pdbx_nmr_refine.entry_id           104D 
_pdbx_nmr_refine.method             ? 
_pdbx_nmr_refine.details            
;R VALUE 0.160 FINAL RMS COORD. SHIFT 0.65 ANGSTROMS NUMBER OF ATOMS USED IN REFINEMENT. NUMBER OF PROTEIN ATOMS 0 NUMBER OF NUCLEIC ACID ATOMS 766 NUMBER OF HETEROGEN ATOMS 0 NUMBER OF SOLVENT ATOMS 0
;
_pdbx_nmr_refine.software_ordinal   1 
# 
_pdbx_nmr_software.name             Discover 
_pdbx_nmr_software.version          ? 
_pdbx_nmr_software.classification   refinement 
_pdbx_nmr_software.authors          'BIOSYM TECHNOLOGIES, INC.' 
_pdbx_nmr_software.ordinal          1 
# 
loop_
_chem_comp_atom.comp_id 
_chem_comp_atom.atom_id 
_chem_comp_atom.type_symbol 
_chem_comp_atom.pdbx_aromatic_flag 
_chem_comp_atom.pdbx_stereo_config 
_chem_comp_atom.pdbx_ordinal 
C  OP3    O N N 1   
C  P      P N N 2   
C  OP1    O N N 3   
C  OP2    O N N 4   
C  "O5'"  O N N 5   
C  "C5'"  C N N 6   
C  "C4'"  C N R 7   
C  "O4'"  O N N 8   
C  "C3'"  C N S 9   
C  "O3'"  O N N 10  
C  "C2'"  C N R 11  
C  "O2'"  O N N 12  
C  "C1'"  C N R 13  
C  N1     N N N 14  
C  C2     C N N 15  
C  O2     O N N 16  
C  N3     N N N 17  
C  C4     C N N 18  
C  N4     N N N 19  
C  C5     C N N 20  
C  C6     C N N 21  
C  HOP3   H N N 22  
C  HOP2   H N N 23  
C  "H5'"  H N N 24  
C  "H5''" H N N 25  
C  "H4'"  H N N 26  
C  "H3'"  H N N 27  
C  "HO3'" H N N 28  
C  "H2'"  H N N 29  
C  "HO2'" H N N 30  
C  "H1'"  H N N 31  
C  H41    H N N 32  
C  H42    H N N 33  
C  H5     H N N 34  
C  H6     H N N 35  
DA OP3    O N N 36  
DA P      P N N 37  
DA OP1    O N N 38  
DA OP2    O N N 39  
DA "O5'"  O N N 40  
DA "C5'"  C N N 41  
DA "C4'"  C N R 42  
DA "O4'"  O N N 43  
DA "C3'"  C N S 44  
DA "O3'"  O N N 45  
DA "C2'"  C N N 46  
DA "C1'"  C N R 47  
DA N9     N Y N 48  
DA C8     C Y N 49  
DA N7     N Y N 50  
DA C5     C Y N 51  
DA C6     C Y N 52  
DA N6     N N N 53  
DA N1     N Y N 54  
DA C2     C Y N 55  
DA N3     N Y N 56  
DA C4     C Y N 57  
DA HOP3   H N N 58  
DA HOP2   H N N 59  
DA "H5'"  H N N 60  
DA "H5''" H N N 61  
DA "H4'"  H N N 62  
DA "H3'"  H N N 63  
DA "HO3'" H N N 64  
DA "H2'"  H N N 65  
DA "H2''" H N N 66  
DA "H1'"  H N N 67  
DA H8     H N N 68  
DA H61    H N N 69  
DA H62    H N N 70  
DA H2     H N N 71  
DC OP3    O N N 72  
DC P      P N N 73  
DC OP1    O N N 74  
DC OP2    O N N 75  
DC "O5'"  O N N 76  
DC "C5'"  C N N 77  
DC "C4'"  C N R 78  
DC "O4'"  O N N 79  
DC "C3'"  C N S 80  
DC "O3'"  O N N 81  
DC "C2'"  C N N 82  
DC "C1'"  C N R 83  
DC N1     N N N 84  
DC C2     C N N 85  
DC O2     O N N 86  
DC N3     N N N 87  
DC C4     C N N 88  
DC N4     N N N 89  
DC C5     C N N 90  
DC C6     C N N 91  
DC HOP3   H N N 92  
DC HOP2   H N N 93  
DC "H5'"  H N N 94  
DC "H5''" H N N 95  
DC "H4'"  H N N 96  
DC "H3'"  H N N 97  
DC "HO3'" H N N 98  
DC "H2'"  H N N 99  
DC "H2''" H N N 100 
DC "H1'"  H N N 101 
DC H41    H N N 102 
DC H42    H N N 103 
DC H5     H N N 104 
DC H6     H N N 105 
DG OP3    O N N 106 
DG P      P N N 107 
DG OP1    O N N 108 
DG OP2    O N N 109 
DG "O5'"  O N N 110 
DG "C5'"  C N N 111 
DG "C4'"  C N R 112 
DG "O4'"  O N N 113 
DG "C3'"  C N S 114 
DG "O3'"  O N N 115 
DG "C2'"  C N N 116 
DG "C1'"  C N R 117 
DG N9     N Y N 118 
DG C8     C Y N 119 
DG N7     N Y N 120 
DG C5     C Y N 121 
DG C6     C N N 122 
DG O6     O N N 123 
DG N1     N N N 124 
DG C2     C N N 125 
DG N2     N N N 126 
DG N3     N N N 127 
DG C4     C Y N 128 
DG HOP3   H N N 129 
DG HOP2   H N N 130 
DG "H5'"  H N N 131 
DG "H5''" H N N 132 
DG "H4'"  H N N 133 
DG "H3'"  H N N 134 
DG "HO3'" H N N 135 
DG "H2'"  H N N 136 
DG "H2''" H N N 137 
DG "H1'"  H N N 138 
DG H8     H N N 139 
DG H1     H N N 140 
DG H21    H N N 141 
DG H22    H N N 142 
DT OP3    O N N 143 
DT P      P N N 144 
DT OP1    O N N 145 
DT OP2    O N N 146 
DT "O5'"  O N N 147 
DT "C5'"  C N N 148 
DT "C4'"  C N R 149 
DT "O4'"  O N N 150 
DT "C3'"  C N S 151 
DT "O3'"  O N N 152 
DT "C2'"  C N N 153 
DT "C1'"  C N R 154 
DT N1     N N N 155 
DT C2     C N N 156 
DT O2     O N N 157 
DT N3     N N N 158 
DT C4     C N N 159 
DT O4     O N N 160 
DT C5     C N N 161 
DT C7     C N N 162 
DT C6     C N N 163 
DT HOP3   H N N 164 
DT HOP2   H N N 165 
DT "H5'"  H N N 166 
DT "H5''" H N N 167 
DT "H4'"  H N N 168 
DT "H3'"  H N N 169 
DT "HO3'" H N N 170 
DT "H2'"  H N N 171 
DT "H2''" H N N 172 
DT "H1'"  H N N 173 
DT H3     H N N 174 
DT H71    H N N 175 
DT H72    H N N 176 
DT H73    H N N 177 
DT H6     H N N 178 
G  OP3    O N N 179 
G  P      P N N 180 
G  OP1    O N N 181 
G  OP2    O N N 182 
G  "O5'"  O N N 183 
G  "C5'"  C N N 184 
G  "C4'"  C N R 185 
G  "O4'"  O N N 186 
G  "C3'"  C N S 187 
G  "O3'"  O N N 188 
G  "C2'"  C N R 189 
G  "O2'"  O N N 190 
G  "C1'"  C N R 191 
G  N9     N Y N 192 
G  C8     C Y N 193 
G  N7     N Y N 194 
G  C5     C Y N 195 
G  C6     C N N 196 
G  O6     O N N 197 
G  N1     N N N 198 
G  C2     C N N 199 
G  N2     N N N 200 
G  N3     N N N 201 
G  C4     C Y N 202 
G  HOP3   H N N 203 
G  HOP2   H N N 204 
G  "H5'"  H N N 205 
G  "H5''" H N N 206 
G  "H4'"  H N N 207 
G  "H3'"  H N N 208 
G  "HO3'" H N N 209 
G  "H2'"  H N N 210 
G  "HO2'" H N N 211 
G  "H1'"  H N N 212 
G  H8     H N N 213 
G  H1     H N N 214 
G  H21    H N N 215 
G  H22    H N N 216 
# 
loop_
_chem_comp_bond.comp_id 
_chem_comp_bond.atom_id_1 
_chem_comp_bond.atom_id_2 
_chem_comp_bond.value_order 
_chem_comp_bond.pdbx_aromatic_flag 
_chem_comp_bond.pdbx_stereo_config 
_chem_comp_bond.pdbx_ordinal 
C  OP3   P      sing N N 1   
C  OP3   HOP3   sing N N 2   
C  P     OP1    doub N N 3   
C  P     OP2    sing N N 4   
C  P     "O5'"  sing N N 5   
C  OP2   HOP2   sing N N 6   
C  "O5'" "C5'"  sing N N 7   
C  "C5'" "C4'"  sing N N 8   
C  "C5'" "H5'"  sing N N 9   
C  "C5'" "H5''" sing N N 10  
C  "C4'" "O4'"  sing N N 11  
C  "C4'" "C3'"  sing N N 12  
C  "C4'" "H4'"  sing N N 13  
C  "O4'" "C1'"  sing N N 14  
C  "C3'" "O3'"  sing N N 15  
C  "C3'" "C2'"  sing N N 16  
C  "C3'" "H3'"  sing N N 17  
C  "O3'" "HO3'" sing N N 18  
C  "C2'" "O2'"  sing N N 19  
C  "C2'" "C1'"  sing N N 20  
C  "C2'" "H2'"  sing N N 21  
C  "O2'" "HO2'" sing N N 22  
C  "C1'" N1     sing N N 23  
C  "C1'" "H1'"  sing N N 24  
C  N1    C2     sing N N 25  
C  N1    C6     sing N N 26  
C  C2    O2     doub N N 27  
C  C2    N3     sing N N 28  
C  N3    C4     doub N N 29  
C  C4    N4     sing N N 30  
C  C4    C5     sing N N 31  
C  N4    H41    sing N N 32  
C  N4    H42    sing N N 33  
C  C5    C6     doub N N 34  
C  C5    H5     sing N N 35  
C  C6    H6     sing N N 36  
DA OP3   P      sing N N 37  
DA OP3   HOP3   sing N N 38  
DA P     OP1    doub N N 39  
DA P     OP2    sing N N 40  
DA P     "O5'"  sing N N 41  
DA OP2   HOP2   sing N N 42  
DA "O5'" "C5'"  sing N N 43  
DA "C5'" "C4'"  sing N N 44  
DA "C5'" "H5'"  sing N N 45  
DA "C5'" "H5''" sing N N 46  
DA "C4'" "O4'"  sing N N 47  
DA "C4'" "C3'"  sing N N 48  
DA "C4'" "H4'"  sing N N 49  
DA "O4'" "C1'"  sing N N 50  
DA "C3'" "O3'"  sing N N 51  
DA "C3'" "C2'"  sing N N 52  
DA "C3'" "H3'"  sing N N 53  
DA "O3'" "HO3'" sing N N 54  
DA "C2'" "C1'"  sing N N 55  
DA "C2'" "H2'"  sing N N 56  
DA "C2'" "H2''" sing N N 57  
DA "C1'" N9     sing N N 58  
DA "C1'" "H1'"  sing N N 59  
DA N9    C8     sing Y N 60  
DA N9    C4     sing Y N 61  
DA C8    N7     doub Y N 62  
DA C8    H8     sing N N 63  
DA N7    C5     sing Y N 64  
DA C5    C6     sing Y N 65  
DA C5    C4     doub Y N 66  
DA C6    N6     sing N N 67  
DA C6    N1     doub Y N 68  
DA N6    H61    sing N N 69  
DA N6    H62    sing N N 70  
DA N1    C2     sing Y N 71  
DA C2    N3     doub Y N 72  
DA C2    H2     sing N N 73  
DA N3    C4     sing Y N 74  
DC OP3   P      sing N N 75  
DC OP3   HOP3   sing N N 76  
DC P     OP1    doub N N 77  
DC P     OP2    sing N N 78  
DC P     "O5'"  sing N N 79  
DC OP2   HOP2   sing N N 80  
DC "O5'" "C5'"  sing N N 81  
DC "C5'" "C4'"  sing N N 82  
DC "C5'" "H5'"  sing N N 83  
DC "C5'" "H5''" sing N N 84  
DC "C4'" "O4'"  sing N N 85  
DC "C4'" "C3'"  sing N N 86  
DC "C4'" "H4'"  sing N N 87  
DC "O4'" "C1'"  sing N N 88  
DC "C3'" "O3'"  sing N N 89  
DC "C3'" "C2'"  sing N N 90  
DC "C3'" "H3'"  sing N N 91  
DC "O3'" "HO3'" sing N N 92  
DC "C2'" "C1'"  sing N N 93  
DC "C2'" "H2'"  sing N N 94  
DC "C2'" "H2''" sing N N 95  
DC "C1'" N1     sing N N 96  
DC "C1'" "H1'"  sing N N 97  
DC N1    C2     sing N N 98  
DC N1    C6     sing N N 99  
DC C2    O2     doub N N 100 
DC C2    N3     sing N N 101 
DC N3    C4     doub N N 102 
DC C4    N4     sing N N 103 
DC C4    C5     sing N N 104 
DC N4    H41    sing N N 105 
DC N4    H42    sing N N 106 
DC C5    C6     doub N N 107 
DC C5    H5     sing N N 108 
DC C6    H6     sing N N 109 
DG OP3   P      sing N N 110 
DG OP3   HOP3   sing N N 111 
DG P     OP1    doub N N 112 
DG P     OP2    sing N N 113 
DG P     "O5'"  sing N N 114 
DG OP2   HOP2   sing N N 115 
DG "O5'" "C5'"  sing N N 116 
DG "C5'" "C4'"  sing N N 117 
DG "C5'" "H5'"  sing N N 118 
DG "C5'" "H5''" sing N N 119 
DG "C4'" "O4'"  sing N N 120 
DG "C4'" "C3'"  sing N N 121 
DG "C4'" "H4'"  sing N N 122 
DG "O4'" "C1'"  sing N N 123 
DG "C3'" "O3'"  sing N N 124 
DG "C3'" "C2'"  sing N N 125 
DG "C3'" "H3'"  sing N N 126 
DG "O3'" "HO3'" sing N N 127 
DG "C2'" "C1'"  sing N N 128 
DG "C2'" "H2'"  sing N N 129 
DG "C2'" "H2''" sing N N 130 
DG "C1'" N9     sing N N 131 
DG "C1'" "H1'"  sing N N 132 
DG N9    C8     sing Y N 133 
DG N9    C4     sing Y N 134 
DG C8    N7     doub Y N 135 
DG C8    H8     sing N N 136 
DG N7    C5     sing Y N 137 
DG C5    C6     sing N N 138 
DG C5    C4     doub Y N 139 
DG C6    O6     doub N N 140 
DG C6    N1     sing N N 141 
DG N1    C2     sing N N 142 
DG N1    H1     sing N N 143 
DG C2    N2     sing N N 144 
DG C2    N3     doub N N 145 
DG N2    H21    sing N N 146 
DG N2    H22    sing N N 147 
DG N3    C4     sing N N 148 
DT OP3   P      sing N N 149 
DT OP3   HOP3   sing N N 150 
DT P     OP1    doub N N 151 
DT P     OP2    sing N N 152 
DT P     "O5'"  sing N N 153 
DT OP2   HOP2   sing N N 154 
DT "O5'" "C5'"  sing N N 155 
DT "C5'" "C4'"  sing N N 156 
DT "C5'" "H5'"  sing N N 157 
DT "C5'" "H5''" sing N N 158 
DT "C4'" "O4'"  sing N N 159 
DT "C4'" "C3'"  sing N N 160 
DT "C4'" "H4'"  sing N N 161 
DT "O4'" "C1'"  sing N N 162 
DT "C3'" "O3'"  sing N N 163 
DT "C3'" "C2'"  sing N N 164 
DT "C3'" "H3'"  sing N N 165 
DT "O3'" "HO3'" sing N N 166 
DT "C2'" "C1'"  sing N N 167 
DT "C2'" "H2'"  sing N N 168 
DT "C2'" "H2''" sing N N 169 
DT "C1'" N1     sing N N 170 
DT "C1'" "H1'"  sing N N 171 
DT N1    C2     sing N N 172 
DT N1    C6     sing N N 173 
DT C2    O2     doub N N 174 
DT C2    N3     sing N N 175 
DT N3    C4     sing N N 176 
DT N3    H3     sing N N 177 
DT C4    O4     doub N N 178 
DT C4    C5     sing N N 179 
DT C5    C7     sing N N 180 
DT C5    C6     doub N N 181 
DT C7    H71    sing N N 182 
DT C7    H72    sing N N 183 
DT C7    H73    sing N N 184 
DT C6    H6     sing N N 185 
G  OP3   P      sing N N 186 
G  OP3   HOP3   sing N N 187 
G  P     OP1    doub N N 188 
G  P     OP2    sing N N 189 
G  P     "O5'"  sing N N 190 
G  OP2   HOP2   sing N N 191 
G  "O5'" "C5'"  sing N N 192 
G  "C5'" "C4'"  sing N N 193 
G  "C5'" "H5'"  sing N N 194 
G  "C5'" "H5''" sing N N 195 
G  "C4'" "O4'"  sing N N 196 
G  "C4'" "C3'"  sing N N 197 
G  "C4'" "H4'"  sing N N 198 
G  "O4'" "C1'"  sing N N 199 
G  "C3'" "O3'"  sing N N 200 
G  "C3'" "C2'"  sing N N 201 
G  "C3'" "H3'"  sing N N 202 
G  "O3'" "HO3'" sing N N 203 
G  "C2'" "O2'"  sing N N 204 
G  "C2'" "C1'"  sing N N 205 
G  "C2'" "H2'"  sing N N 206 
G  "O2'" "HO2'" sing N N 207 
G  "C1'" N9     sing N N 208 
G  "C1'" "H1'"  sing N N 209 
G  N9    C8     sing Y N 210 
G  N9    C4     sing Y N 211 
G  C8    N7     doub Y N 212 
G  C8    H8     sing N N 213 
G  N7    C5     sing Y N 214 
G  C5    C6     sing N N 215 
G  C5    C4     doub Y N 216 
G  C6    O6     doub N N 217 
G  C6    N1     sing N N 218 
G  N1    C2     sing N N 219 
G  N1    H1     sing N N 220 
G  C2    N2     sing N N 221 
G  C2    N3     doub N N 222 
G  N2    H21    sing N N 223 
G  N2    H22    sing N N 224 
G  N3    C4     sing N N 225 
# 
_ndb_struct_conf_na.entry_id   104D 
_ndb_struct_conf_na.feature    'double helix' 
# 
loop_
_ndb_struct_na_base_pair.model_number 
_ndb_struct_na_base_pair.i_label_asym_id 
_ndb_struct_na_base_pair.i_label_comp_id 
_ndb_struct_na_base_pair.i_label_seq_id 
_ndb_struct_na_base_pair.i_symmetry 
_ndb_struct_na_base_pair.j_label_asym_id 
_ndb_struct_na_base_pair.j_label_comp_id 
_ndb_struct_na_base_pair.j_label_seq_id 
_ndb_struct_na_base_pair.j_symmetry 
_ndb_struct_na_base_pair.shear 
_ndb_struct_na_base_pair.stretch 
_ndb_struct_na_base_pair.stagger 
_ndb_struct_na_base_pair.buckle 
_ndb_struct_na_base_pair.propeller 
_ndb_struct_na_base_pair.opening 
_ndb_struct_na_base_pair.pair_number 
_ndb_struct_na_base_pair.pair_name 
_ndb_struct_na_base_pair.i_auth_asym_id 
_ndb_struct_na_base_pair.i_auth_seq_id 
_ndb_struct_na_base_pair.i_PDB_ins_code 
_ndb_struct_na_base_pair.j_auth_asym_id 
_ndb_struct_na_base_pair.j_auth_seq_id 
_ndb_struct_na_base_pair.j_PDB_ins_code 
_ndb_struct_na_base_pair.hbond_type_28 
_ndb_struct_na_base_pair.hbond_type_12 
1 A C  1  1_555 B DG 12 1_555 1.137  -0.356 0.172  10.537  -24.591 0.239  1  A_C1:DG24_B  A 1  ? B 24 ? 19 1 
1 A G  2  1_555 B DC 11 1_555 -1.068 -0.350 0.296  3.528   -8.069  -2.060 2  A_G2:DC23_B  A 2  ? B 23 ? 19 1 
1 A C  3  1_555 B DG 10 1_555 0.086  -0.108 0.316  3.673   -15.486 -3.550 3  A_C3:DG22_B  A 3  ? B 22 ? 19 1 
1 A G  4  1_555 B DC 9  1_555 -0.560 -0.146 0.071  -11.989 -22.363 -0.281 4  A_G4:DC21_B  A 4  ? B 21 ? 19 1 
1 A DT 5  1_555 B DA 8  1_555 0.585  -0.155 0.272  -10.549 -13.895 3.168  5  A_DT5:DA20_B A 5  ? B 20 ? 20 1 
1 A DA 6  1_555 B DT 7  1_555 -0.513 -0.136 -0.110 -6.921  -22.807 -0.881 6  A_DA6:DT19_B A 6  ? B 19 ? 20 1 
1 A DT 7  1_555 B DA 6  1_555 0.496  -0.129 -0.107 7.307   -22.819 -0.895 7  A_DT7:DA18_B A 7  ? B 18 ? 20 1 
1 A DA 8  1_555 B DT 5  1_555 -0.593 -0.154 0.272  11.273  -13.873 3.218  8  A_DA8:DT17_B A 8  ? B 17 ? 20 1 
1 A DC 9  1_555 B G  4  1_555 0.606  -0.160 0.050  12.697  -22.927 -0.073 9  A_DC9:G16_B  A 9  ? B 16 ? 19 1 
1 A DG 10 1_555 B C  3  1_555 -0.177 -0.117 0.295  -3.588  -15.118 -3.308 10 A_DG10:C15_B A 10 ? B 15 ? 19 1 
1 A DC 11 1_555 B G  2  1_555 1.098  -0.355 0.265  -2.800  -8.001  -1.686 11 A_DC11:G14_B A 11 ? B 14 ? 19 1 
1 A DG 12 1_555 B C  1  1_555 -1.135 -0.348 0.133  -12.291 -26.411 0.664  12 A_DG12:C13_B A 12 ? B 13 ? 19 1 
# 
loop_
_ndb_struct_na_base_pair_step.model_number 
_ndb_struct_na_base_pair_step.i_label_asym_id_1 
_ndb_struct_na_base_pair_step.i_label_comp_id_1 
_ndb_struct_na_base_pair_step.i_label_seq_id_1 
_ndb_struct_na_base_pair_step.i_symmetry_1 
_ndb_struct_na_base_pair_step.j_label_asym_id_1 
_ndb_struct_na_base_pair_step.j_label_comp_id_1 
_ndb_struct_na_base_pair_step.j_label_seq_id_1 
_ndb_struct_na_base_pair_step.j_symmetry_1 
_ndb_struct_na_base_pair_step.i_label_asym_id_2 
_ndb_struct_na_base_pair_step.i_label_comp_id_2 
_ndb_struct_na_base_pair_step.i_label_seq_id_2 
_ndb_struct_na_base_pair_step.i_symmetry_2 
_ndb_struct_na_base_pair_step.j_label_asym_id_2 
_ndb_struct_na_base_pair_step.j_label_comp_id_2 
_ndb_struct_na_base_pair_step.j_label_seq_id_2 
_ndb_struct_na_base_pair_step.j_symmetry_2 
_ndb_struct_na_base_pair_step.shift 
_ndb_struct_na_base_pair_step.slide 
_ndb_struct_na_base_pair_step.rise 
_ndb_struct_na_base_pair_step.tilt 
_ndb_struct_na_base_pair_step.roll 
_ndb_struct_na_base_pair_step.twist 
_ndb_struct_na_base_pair_step.x_displacement 
_ndb_struct_na_base_pair_step.y_displacement 
_ndb_struct_na_base_pair_step.helical_rise 
_ndb_struct_na_base_pair_step.inclination 
_ndb_struct_na_base_pair_step.tip 
_ndb_struct_na_base_pair_step.helical_twist 
_ndb_struct_na_base_pair_step.step_number 
_ndb_struct_na_base_pair_step.step_name 
_ndb_struct_na_base_pair_step.i_auth_asym_id_1 
_ndb_struct_na_base_pair_step.i_auth_seq_id_1 
_ndb_struct_na_base_pair_step.i_PDB_ins_code_1 
_ndb_struct_na_base_pair_step.j_auth_asym_id_1 
_ndb_struct_na_base_pair_step.j_auth_seq_id_1 
_ndb_struct_na_base_pair_step.j_PDB_ins_code_1 
_ndb_struct_na_base_pair_step.i_auth_asym_id_2 
_ndb_struct_na_base_pair_step.i_auth_seq_id_2 
_ndb_struct_na_base_pair_step.i_PDB_ins_code_2 
_ndb_struct_na_base_pair_step.j_auth_asym_id_2 
_ndb_struct_na_base_pair_step.j_auth_seq_id_2 
_ndb_struct_na_base_pair_step.j_PDB_ins_code_2 
1 A C  1  1_555 B DG 12 1_555 A G  2  1_555 B DC 11 1_555 -0.364 -1.425 2.802 -2.424 16.995 29.601 -4.457 0.330  1.772 30.272 
4.317   34.122 1  AA_C1G2:DC23DG24_BB   A 1  ? B 24 ? A 2  ? B 23 ? 
1 A G  2  1_555 B DC 11 1_555 A C  3  1_555 B DG 10 1_555 0.224  -1.321 3.061 -1.740 5.237  38.334 -2.576 -0.532 2.850 7.924  
2.634   38.714 2  AA_G2C3:DG22DC23_BB   A 2  ? B 23 ? A 3  ? B 22 ? 
1 A C  3  1_555 B DG 10 1_555 A G  4  1_555 B DC 9  1_555 0.299  -2.073 3.101 3.564  17.778 27.619 -6.010 -0.055 1.545 33.103 
-6.636  32.942 3  AA_C3G4:DC21DG22_BB   A 3  ? B 22 ? A 4  ? B 21 ? 
1 A G  4  1_555 B DC 9  1_555 A DT 5  1_555 B DA 8  1_555 0.308  -1.185 3.045 2.307  0.280  34.508 -2.033 -0.185 3.049 0.472  
-3.884  34.584 4  AA_G4DT5:DA20DC21_BB  A 4  ? B 21 ? A 5  ? B 20 ? 
1 A DT 5  1_555 B DA 8  1_555 A DA 6  1_555 B DT 7  1_555 -0.221 -1.114 2.933 7.358  12.984 31.270 -3.535 1.313  2.207 22.550 
-12.778 34.569 5  AA_DT5DA6:DT19DA20_BB A 5  ? B 20 ? A 6  ? B 19 ? 
1 A DA 6  1_555 B DT 7  1_555 A DT 7  1_555 B DA 6  1_555 0.009  0.389  2.762 -0.103 -3.558 42.808 0.828  -0.021 2.723 -4.865 
0.141   42.948 6  AA_DA6DT7:DA18DT19_BB A 6  ? B 19 ? A 7  ? B 18 ? 
1 A DT 7  1_555 B DA 6  1_555 A DA 8  1_555 B DT 5  1_555 0.213  -1.139 2.921 -7.529 13.430 31.070 -3.616 -1.312 2.155 23.361 
13.096  34.591 7  AA_DT7DA8:DT17DA18_BB A 7  ? B 18 ? A 8  ? B 17 ? 
1 A DA 8  1_555 B DT 5  1_555 A DC 9  1_555 B G  4  1_555 -0.311 -1.191 3.046 -2.252 0.437  34.583 -2.063 0.199  3.045 0.734  
3.784   34.656 8  AA_DA8DC9:G16DT17_BB  A 8  ? B 17 ? A 9  ? B 16 ? 
1 A DC 9  1_555 B G  4  1_555 A DG 10 1_555 B C  3  1_555 -0.318 -2.123 3.106 -3.768 18.656 26.807 -6.213 0.069  1.402 35.164 
7.101   32.776 9  AA_DC9DG10:C15G16_BB  A 9  ? B 16 ? A 10 ? B 15 ? 
1 A DG 10 1_555 B C  3  1_555 A DC 11 1_555 B G  2  1_555 -0.208 -1.306 3.050 1.793  5.329  38.571 -2.541 0.509  2.839 8.015  
-2.697  38.963 10 AA_DG10DC11:G14C15_BB A 10 ? B 15 ? A 11 ? B 14 ? 
1 A DC 11 1_555 B G  2  1_555 A DG 12 1_555 B C  1  1_555 0.397  -1.457 2.845 2.816  18.318 29.860 -4.509 -0.338 1.722 31.970 
-4.915  35.032 11 AA_DC11DG12:C13G14_BB A 11 ? B 14 ? A 12 ? B 13 ? 
# 
_atom_sites.entry_id                    104D 
_atom_sites.fract_transf_matrix[1][1]   1.000000 
_atom_sites.fract_transf_matrix[1][2]   0.000000 
_atom_sites.fract_transf_matrix[1][3]   0.000000 
_atom_sites.fract_transf_matrix[2][1]   0.000000 
_atom_sites.fract_transf_matrix[2][2]   1.000000 
_atom_sites.fract_transf_matrix[2][3]   0.000000 
_atom_sites.fract_transf_matrix[3][1]   0.000000 
_atom_sites.fract_transf_matrix[3][2]   0.000000 
_atom_sites.fract_transf_matrix[3][3]   1.000000 
_atom_sites.fract_transf_vector[1]      0.00000 
_atom_sites.fract_transf_vector[2]      0.00000 
_atom_sites.fract_transf_vector[3]      0.00000 
# 
loop_
_atom_type.symbol 
C 
H 
N 
O 
P 
# 
loop_
_atom_site.group_PDB 
_atom_site.id 
_atom_site.type_symbol 
_atom_site.label_atom_id 
_atom_site.label_alt_id 
_atom_site.label_comp_id 
_atom_site.label_asym_id 
_atom_site.label_entity_id 
_atom_site.label_seq_id 
_atom_site.pdbx_PDB_ins_code 
_atom_site.Cartn_x 
_atom_site.Cartn_y 
_atom_site.Cartn_z 
_atom_site.occupancy 
_atom_site.B_iso_or_equiv 
_atom_site.pdbx_formal_charge 
_atom_site.auth_seq_id 
_atom_site.auth_comp_id 
_atom_site.auth_asym_id 
_atom_site.auth_atom_id 
_atom_site.pdbx_PDB_model_num 
ATOM 1   O "O5'"  . C  A 1 1  ? 7.408   11.379  6.306   1.00 0.00 ? 1  C  A "O5'"  1 
ATOM 2   C "C5'"  . C  A 1 1  ? 7.454   12.744  5.950   1.00 0.00 ? 1  C  A "C5'"  1 
ATOM 3   C "C4'"  . C  A 1 1  ? 7.901   12.921  4.495   1.00 0.00 ? 1  C  A "C4'"  1 
ATOM 4   O "O4'"  . C  A 1 1  ? 9.184   12.321  4.282   1.00 0.00 ? 1  C  A "O4'"  1 
ATOM 5   C "C3'"  . C  A 1 1  ? 6.948   12.263  3.495   1.00 0.00 ? 1  C  A "C3'"  1 
ATOM 6   O "O3'"  . C  A 1 1  ? 5.852   13.070  3.079   1.00 0.00 ? 1  C  A "O3'"  1 
ATOM 7   C "C2'"  . C  A 1 1  ? 7.907   12.058  2.343   1.00 0.00 ? 1  C  A "C2'"  1 
ATOM 8   O "O2'"  . C  A 1 1  ? 7.965   13.216  1.527   1.00 0.00 ? 1  C  A "O2'"  1 
ATOM 9   C "C1'"  . C  A 1 1  ? 9.267   11.833  2.945   1.00 0.00 ? 1  C  A "C1'"  1 
ATOM 10  N N1     . C  A 1 1  ? 9.762   10.428  2.812   1.00 0.00 ? 1  C  A N1     1 
ATOM 11  C C2     . C  A 1 1  ? 10.705  10.153  1.810   1.00 0.00 ? 1  C  A C2     1 
ATOM 12  O O2     . C  A 1 1  ? 11.145  11.025  1.063   1.00 0.00 ? 1  C  A O2     1 
ATOM 13  N N3     . C  A 1 1  ? 11.132  8.876   1.642   1.00 0.00 ? 1  C  A N3     1 
ATOM 14  C C4     . C  A 1 1  ? 10.656  7.879   2.391   1.00 0.00 ? 1  C  A C4     1 
ATOM 15  N N4     . C  A 1 1  ? 11.130  6.652   2.153   1.00 0.00 ? 1  C  A N4     1 
ATOM 16  C C5     . C  A 1 1  ? 9.682   8.123   3.422   1.00 0.00 ? 1  C  A C5     1 
ATOM 17  C C6     . C  A 1 1  ? 9.271   9.407   3.593   1.00 0.00 ? 1  C  A C6     1 
ATOM 18  H "H5'"  . C  A 1 1  ? 8.156   13.258  6.608   1.00 0.00 ? 1  C  A "H5'"  1 
ATOM 19  H "H5''" . C  A 1 1  ? 6.464   13.181  6.079   1.00 0.00 ? 1  C  A "H5''" 1 
ATOM 20  H "H4'"  . C  A 1 1  ? 7.948   13.994  4.291   1.00 0.00 ? 1  C  A "H4'"  1 
ATOM 21  H "H3'"  . C  A 1 1  ? 6.612   11.295  3.869   1.00 0.00 ? 1  C  A "H3'"  1 
ATOM 22  H "H2'"  . C  A 1 1  ? 7.678   11.165  1.817   1.00 0.00 ? 1  C  A "H2'"  1 
ATOM 23  H "HO2'" . C  A 1 1  ? 8.496   13.020  0.752   1.00 0.00 ? 1  C  A "HO2'" 1 
ATOM 24  H "H1'"  . C  A 1 1  ? 9.849   12.438  2.272   1.00 0.00 ? 1  C  A "H1'"  1 
ATOM 25  H H41    . C  A 1 1  ? 11.819  6.541   1.417   1.00 0.00 ? 1  C  A H41    1 
ATOM 26  H H42    . C  A 1 1  ? 10.798  5.856   2.677   1.00 0.00 ? 1  C  A H42    1 
ATOM 27  H H5     . C  A 1 1  ? 9.274   7.345   4.051   1.00 0.00 ? 1  C  A H5     1 
ATOM 28  H H6     . C  A 1 1  ? 8.539   9.619   4.360   1.00 0.00 ? 1  C  A H6     1 
ATOM 29  H "HO5'" . C  A 1 1  ? 7.117   11.312  7.218   1.00 0.00 ? 1  C  A "HO5'" 1 
ATOM 30  P P      . G  A 1 2  ? 4.778   12.551  1.970   1.00 0.00 ? 2  G  A P      1 
ATOM 31  O OP1    . G  A 1 2  ? 3.702   13.564  1.887   1.00 0.00 ? 2  G  A OP1    1 
ATOM 32  O OP2    . G  A 1 2  ? 4.431   11.156  2.319   1.00 0.00 ? 2  G  A OP2    1 
ATOM 33  O "O5'"  . G  A 1 2  ? 5.541   12.515  0.531   1.00 0.00 ? 2  G  A "O5'"  1 
ATOM 34  C "C5'"  . G  A 1 2  ? 5.654   13.659  -0.307  1.00 0.00 ? 2  G  A "C5'"  1 
ATOM 35  C "C4'"  . G  A 1 2  ? 6.474   13.365  -1.585  1.00 0.00 ? 2  G  A "C4'"  1 
ATOM 36  O "O4'"  . G  A 1 2  ? 7.801   12.875  -1.375  1.00 0.00 ? 2  G  A "O4'"  1 
ATOM 37  C "C3'"  . G  A 1 2  ? 5.831   12.322  -2.496  1.00 0.00 ? 2  G  A "C3'"  1 
ATOM 38  O "O3'"  . G  A 1 2  ? 4.720   12.811  -3.224  1.00 0.00 ? 2  G  A "O3'"  1 
ATOM 39  C "C2'"  . G  A 1 2  ? 7.011   12.049  -3.421  1.00 0.00 ? 2  G  A "C2'"  1 
ATOM 40  O "O2'"  . G  A 1 2  ? 7.259   13.141  -4.285  1.00 0.00 ? 2  G  A "O2'"  1 
ATOM 41  C "C1'"  . G  A 1 2  ? 8.107   11.930  -2.410  1.00 0.00 ? 2  G  A "C1'"  1 
ATOM 42  N N9     . G  A 1 2  ? 8.389   10.556  -1.961  1.00 0.00 ? 2  G  A N9     1 
ATOM 43  C C8     . G  A 1 2  ? 8.120   10.121  -0.731  1.00 0.00 ? 2  G  A C8     1 
ATOM 44  N N7     . G  A 1 2  ? 8.647   8.987   -0.378  1.00 0.00 ? 2  G  A N7     1 
ATOM 45  C C5     . G  A 1 2  ? 9.364   8.633   -1.516  1.00 0.00 ? 2  G  A C5     1 
ATOM 46  C C6     . G  A 1 2  ? 10.192  7.496   -1.752  1.00 0.00 ? 2  G  A C6     1 
ATOM 47  O O6     . G  A 1 2  ? 10.447  6.572   -0.984  1.00 0.00 ? 2  G  A O6     1 
ATOM 48  N N1     . G  A 1 2  ? 10.743  7.501   -3.031  1.00 0.00 ? 2  G  A N1     1 
ATOM 49  C C2     . G  A 1 2  ? 10.533  8.496   -3.970  1.00 0.00 ? 2  G  A C2     1 
ATOM 50  N N2     . G  A 1 2  ? 11.128  8.342   -5.157  1.00 0.00 ? 2  G  A N2     1 
ATOM 51  N N3     . G  A 1 2  ? 9.773   9.580   -3.742  1.00 0.00 ? 2  G  A N3     1 
ATOM 52  C C4     . G  A 1 2  ? 9.213   9.589   -2.500  1.00 0.00 ? 2  G  A C4     1 
ATOM 53  H "H5'"  . G  A 1 2  ? 6.087   14.508  0.232   1.00 0.00 ? 2  G  A "H5'"  1 
ATOM 54  H "H5''" . G  A 1 2  ? 4.652   13.952  -0.621  1.00 0.00 ? 2  G  A "H5''" 1 
ATOM 55  H "H4'"  . G  A 1 2  ? 6.553   14.304  -2.137  1.00 0.00 ? 2  G  A "H4'"  1 
ATOM 56  H "H3'"  . G  A 1 2  ? 5.609   11.450  -1.880  1.00 0.00 ? 2  G  A "H3'"  1 
ATOM 57  H "H2'"  . G  A 1 2  ? 7.028   11.133  -3.969  1.00 0.00 ? 2  G  A "H2'"  1 
ATOM 58  H "HO2'" . G  A 1 2  ? 6.456   13.319  -4.782  1.00 0.00 ? 2  G  A "HO2'" 1 
ATOM 59  H "H1'"  . G  A 1 2  ? 9.006   12.093  -2.901  1.00 0.00 ? 2  G  A "H1'"  1 
ATOM 60  H H8     . G  A 1 2  ? 7.542   10.828  -0.214  1.00 0.00 ? 2  G  A H8     1 
ATOM 61  H H1     . G  A 1 2  ? 11.331  6.711   -3.268  1.00 0.00 ? 2  G  A H1     1 
ATOM 62  H H21    . G  A 1 2  ? 11.685  7.518   -5.342  1.00 0.00 ? 2  G  A H21    1 
ATOM 63  H H22    . G  A 1 2  ? 10.999  9.042   -5.873  1.00 0.00 ? 2  G  A H22    1 
ATOM 64  P P      . C  A 1 3  ? 3.714   11.808  -3.990  1.00 0.00 ? 3  C  A P      1 
ATOM 65  O OP1    . C  A 1 3  ? 2.869   12.616  -4.896  1.00 0.00 ? 3  C  A OP1    1 
ATOM 66  O OP2    . C  A 1 3  ? 3.081   10.946  -2.968  1.00 0.00 ? 3  C  A OP2    1 
ATOM 67  O "O5'"  . C  A 1 3  ? 4.681   10.876  -4.885  1.00 0.00 ? 3  C  A "O5'"  1 
ATOM 68  C "C5'"  . C  A 1 3  ? 5.082   11.222  -6.198  1.00 0.00 ? 3  C  A "C5'"  1 
ATOM 69  C "C4'"  . C  A 1 3  ? 5.990   10.122  -6.774  1.00 0.00 ? 3  C  A "C4'"  1 
ATOM 70  O "O4'"  . C  A 1 3  ? 7.175   9.825   -6.026  1.00 0.00 ? 3  C  A "O4'"  1 
ATOM 71  C "C3'"  . C  A 1 3  ? 5.302   8.763   -6.876  1.00 0.00 ? 3  C  A "C3'"  1 
ATOM 72  O "O3'"  . C  A 1 3  ? 4.300   8.668   -7.869  1.00 0.00 ? 3  C  A "O3'"  1 
ATOM 73  C "C2'"  . C  A 1 3  ? 6.530   7.945   -7.247  1.00 0.00 ? 3  C  A "C2'"  1 
ATOM 74  O "O2'"  . C  A 1 3  ? 7.028   8.294   -8.525  1.00 0.00 ? 3  C  A "O2'"  1 
ATOM 75  C "C1'"  . C  A 1 3  ? 7.476   8.428   -6.164  1.00 0.00 ? 3  C  A "C1'"  1 
ATOM 76  N N1     . C  A 1 3  ? 7.356   7.648   -4.892  1.00 0.00 ? 3  C  A N1     1 
ATOM 77  C C2     . C  A 1 3  ? 8.099   6.469   -4.764  1.00 0.00 ? 3  C  A C2     1 
ATOM 78  O O2     . C  A 1 3  ? 8.748   6.020   -5.705  1.00 0.00 ? 3  C  A O2     1 
ATOM 79  N N3     . C  A 1 3  ? 8.101   5.818   -3.565  1.00 0.00 ? 3  C  A N3     1 
ATOM 80  C C4     . C  A 1 3  ? 7.373   6.264   -2.531  1.00 0.00 ? 3  C  A C4     1 
ATOM 81  N N4     . C  A 1 3  ? 7.401   5.594   -1.375  1.00 0.00 ? 3  C  A N4     1 
ATOM 82  C C5     . C  A 1 3  ? 6.602   7.467   -2.635  1.00 0.00 ? 3  C  A C5     1 
ATOM 83  C C6     . C  A 1 3  ? 6.632   8.112   -3.822  1.00 0.00 ? 3  C  A C6     1 
ATOM 84  H "H5'"  . C  A 1 3  ? 5.578   12.198  -6.244  1.00 0.00 ? 3  C  A "H5'"  1 
ATOM 85  H "H5''" . C  A 1 3  ? 4.193   11.278  -6.827  1.00 0.00 ? 3  C  A "H5''" 1 
ATOM 86  H "H4'"  . C  A 1 3  ? 6.286   10.461  -7.768  1.00 0.00 ? 3  C  A "H4'"  1 
ATOM 87  H "H3'"  . C  A 1 3  ? 4.941   8.490   -5.877  1.00 0.00 ? 3  C  A "H3'"  1 
ATOM 88  H "H2'"  . C  A 1 3  ? 6.405   6.882   -7.243  1.00 0.00 ? 3  C  A "H2'"  1 
ATOM 89  H "HO2'" . C  A 1 3  ? 6.317   8.198   -9.162  1.00 0.00 ? 3  C  A "HO2'" 1 
ATOM 90  H "H1'"  . C  A 1 3  ? 8.467   8.239   -6.541  1.00 0.00 ? 3  C  A "H1'"  1 
ATOM 91  H H41    . C  A 1 3  ? 7.958   4.755   -1.296  1.00 0.00 ? 3  C  A H41    1 
ATOM 92  H H42    . C  A 1 3  ? 6.876   5.930   -0.582  1.00 0.00 ? 3  C  A H42    1 
ATOM 93  H H5     . C  A 1 3  ? 6.050   7.893   -1.813  1.00 0.00 ? 3  C  A H5     1 
ATOM 94  H H6     . C  A 1 3  ? 6.078   9.022   -3.907  1.00 0.00 ? 3  C  A H6     1 
ATOM 95  P P      . G  A 1 4  ? 3.216   7.468   -7.841  1.00 0.00 ? 4  G  A P      1 
ATOM 96  O OP1    . G  A 1 4  ? 2.441   7.533   -9.100  1.00 0.00 ? 4  G  A OP1    1 
ATOM 97  O OP2    . G  A 1 4  ? 2.509   7.531   -6.543  1.00 0.00 ? 4  G  A OP2    1 
ATOM 98  O "O5'"  . G  A 1 4  ? 4.095   6.112   -7.856  1.00 0.00 ? 4  G  A "O5'"  1 
ATOM 99  C "C5'"  . G  A 1 4  ? 4.714   5.634   -9.035  1.00 0.00 ? 4  G  A "C5'"  1 
ATOM 100 C "C4'"  . G  A 1 4  ? 5.482   4.333   -8.773  1.00 0.00 ? 4  G  A "C4'"  1 
ATOM 101 O "O4'"  . G  A 1 4  ? 6.519   4.448   -7.810  1.00 0.00 ? 4  G  A "O4'"  1 
ATOM 102 C "C3'"  . G  A 1 4  ? 4.598   3.207   -8.245  1.00 0.00 ? 4  G  A "C3'"  1 
ATOM 103 O "O3'"  . G  A 1 4  ? 3.777   2.691   -9.279  1.00 0.00 ? 4  G  A "O3'"  1 
ATOM 104 C "C2'"  . G  A 1 4  ? 5.689   2.230   -7.827  1.00 0.00 ? 4  G  A "C2'"  1 
ATOM 105 O "O2'"  . G  A 1 4  ? 6.297   1.619   -8.949  1.00 0.00 ? 4  G  A "O2'"  1 
ATOM 106 C "C1'"  . G  A 1 4  ? 6.658   3.182   -7.175  1.00 0.00 ? 4  G  A "C1'"  1 
ATOM 107 N N9     . G  A 1 4  ? 6.436   3.219   -5.723  1.00 0.00 ? 4  G  A N9     1 
ATOM 108 C C8     . G  A 1 4  ? 5.826   4.190   -5.012  1.00 0.00 ? 4  G  A C8     1 
ATOM 109 N N7     . G  A 1 4  ? 5.748   3.964   -3.730  1.00 0.00 ? 4  G  A N7     1 
ATOM 110 C C5     . G  A 1 4  ? 6.406   2.745   -3.579  1.00 0.00 ? 4  G  A C5     1 
ATOM 111 C C6     . G  A 1 4  ? 6.716   1.993   -2.404  1.00 0.00 ? 4  G  A C6     1 
ATOM 112 O O6     . G  A 1 4  ? 6.481   2.278   -1.232  1.00 0.00 ? 4  G  A O6     1 
ATOM 113 N N1     . G  A 1 4  ? 7.379   0.802   -2.697  1.00 0.00 ? 4  G  A N1     1 
ATOM 114 C C2     . G  A 1 4  ? 7.715   0.387   -3.973  1.00 0.00 ? 4  G  A C2     1 
ATOM 115 N N2     . G  A 1 4  ? 8.330   -0.792  -4.101  1.00 0.00 ? 4  G  A N2     1 
ATOM 116 N N3     . G  A 1 4  ? 7.455   1.107   -5.073  1.00 0.00 ? 4  G  A N3     1 
ATOM 117 C C4     . G  A 1 4  ? 6.808   2.271   -4.805  1.00 0.00 ? 4  G  A C4     1 
ATOM 118 H "H5'"  . G  A 1 4  ? 5.401   6.378   -9.433  1.00 0.00 ? 4  G  A "H5'"  1 
ATOM 119 H "H5''" . G  A 1 4  ? 3.949   5.434   -9.787  1.00 0.00 ? 4  G  A "H5''" 1 
ATOM 120 H "H4'"  . G  A 1 4  ? 5.933   4.020   -9.715  1.00 0.00 ? 4  G  A "H4'"  1 
ATOM 121 H "H3'"  . G  A 1 4  ? 4.066   3.574   -7.360  1.00 0.00 ? 4  G  A "H3'"  1 
ATOM 122 H "H2'"  . G  A 1 4  ? 5.431   1.496   -7.081  1.00 0.00 ? 4  G  A "H2'"  1 
ATOM 123 H "HO2'" . G  A 1 4  ? 5.605   1.230   -9.489  1.00 0.00 ? 4  G  A "HO2'" 1 
ATOM 124 H "H1'"  . G  A 1 4  ? 7.620   2.760   -7.282  1.00 0.00 ? 4  G  A "H1'"  1 
ATOM 125 H H8     . G  A 1 4  ? 5.499   5.049   -5.557  1.00 0.00 ? 4  G  A H8     1 
ATOM 126 H H1     . G  A 1 4  ? 7.626   0.216   -1.909  1.00 0.00 ? 4  G  A H1     1 
ATOM 127 H H21    . G  A 1 4  ? 8.518   -1.363  -3.290  1.00 0.00 ? 4  G  A H21    1 
ATOM 128 H H22    . G  A 1 4  ? 8.594   -1.116  -5.020  1.00 0.00 ? 4  G  A H22    1 
ATOM 129 P P      . DT A 1 5  ? 2.539   1.706   -8.979  1.00 0.00 ? 5  DT A P      1 
ATOM 130 O OP1    . DT A 1 5  ? 1.984   1.260   -10.275 1.00 0.00 ? 5  DT A OP1    1 
ATOM 131 O OP2    . DT A 1 5  ? 1.661   2.374   -7.993  1.00 0.00 ? 5  DT A OP2    1 
ATOM 132 O "O5'"  . DT A 1 5  ? 3.214   0.440   -8.249  1.00 0.00 ? 5  DT A "O5'"  1 
ATOM 133 C "C5'"  . DT A 1 5  ? 3.727   -0.688  -8.938  1.00 0.00 ? 5  DT A "C5'"  1 
ATOM 134 C "C4'"  . DT A 1 5  ? 4.177   -1.718  -7.890  1.00 0.00 ? 5  DT A "C4'"  1 
ATOM 135 O "O4'"  . DT A 1 5  ? 5.035   -1.116  -6.926  1.00 0.00 ? 5  DT A "O4'"  1 
ATOM 136 C "C3'"  . DT A 1 5  ? 2.978   -2.259  -7.112  1.00 0.00 ? 5  DT A "C3'"  1 
ATOM 137 O "O3'"  . DT A 1 5  ? 2.495   -3.465  -7.694  1.00 0.00 ? 5  DT A "O3'"  1 
ATOM 138 C "C2'"  . DT A 1 5  ? 3.498   -2.466  -5.701  1.00 0.00 ? 5  DT A "C2'"  1 
ATOM 139 C "C1'"  . DT A 1 5  ? 4.788   -1.670  -5.638  1.00 0.00 ? 5  DT A "C1'"  1 
ATOM 140 N N1     . DT A 1 5  ? 4.601   -0.656  -4.572  1.00 0.00 ? 5  DT A N1     1 
ATOM 141 C C2     . DT A 1 5  ? 4.856   -1.052  -3.259  1.00 0.00 ? 5  DT A C2     1 
ATOM 142 O O2     . DT A 1 5  ? 5.407   -2.113  -2.971  1.00 0.00 ? 5  DT A O2     1 
ATOM 143 N N3     . DT A 1 5  ? 4.382   -0.216  -2.264  1.00 0.00 ? 5  DT A N3     1 
ATOM 144 C C4     . DT A 1 5  ? 3.680   0.963   -2.450  1.00 0.00 ? 5  DT A C4     1 
ATOM 145 O O4     . DT A 1 5  ? 3.322   1.614   -1.470  1.00 0.00 ? 5  DT A O4     1 
ATOM 146 C C5     . DT A 1 5  ? 3.400   1.275   -3.841  1.00 0.00 ? 5  DT A C5     1 
ATOM 147 C C7     . DT A 1 5  ? 2.576   2.498   -4.188  1.00 0.00 ? 5  DT A C7     1 
ATOM 148 C C6     . DT A 1 5  ? 3.857   0.467   -4.833  1.00 0.00 ? 5  DT A C6     1 
ATOM 149 H "H5'"  . DT A 1 5  ? 4.563   -0.417  -9.583  1.00 0.00 ? 5  DT A "H5'"  1 
ATOM 150 H "H5''" . DT A 1 5  ? 2.945   -1.136  -9.554  1.00 0.00 ? 5  DT A "H5''" 1 
ATOM 151 H "H4'"  . DT A 1 5  ? 4.682   -2.536  -8.412  1.00 0.00 ? 5  DT A "H4'"  1 
ATOM 152 H "H3'"  . DT A 1 5  ? 2.241   -1.451  -7.045  1.00 0.00 ? 5  DT A "H3'"  1 
ATOM 153 H "H2'"  . DT A 1 5  ? 2.766   -1.995  -5.053  1.00 0.00 ? 5  DT A "H2'"  1 
ATOM 154 H "H2''" . DT A 1 5  ? 3.686   -3.505  -5.409  1.00 0.00 ? 5  DT A "H2''" 1 
ATOM 155 H "H1'"  . DT A 1 5  ? 5.585   -2.349  -5.370  1.00 0.00 ? 5  DT A "H1'"  1 
ATOM 156 H H3     . DT A 1 5  ? 4.568   -0.507  -1.315  1.00 0.00 ? 5  DT A H3     1 
ATOM 157 H H71    . DT A 1 5  ? 2.844   3.325   -3.529  1.00 0.00 ? 5  DT A H71    1 
ATOM 158 H H72    . DT A 1 5  ? 2.753   2.804   -5.220  1.00 0.00 ? 5  DT A H72    1 
ATOM 159 H H73    . DT A 1 5  ? 1.518   2.267   -4.062  1.00 0.00 ? 5  DT A H73    1 
ATOM 160 H H6     . DT A 1 5  ? 3.573   0.635   -5.861  1.00 0.00 ? 5  DT A H6     1 
ATOM 161 P P      . DA A 1 6  ? 1.273   -4.333  -7.070  1.00 0.00 ? 6  DA A P      1 
ATOM 162 O OP1    . DA A 1 6  ? 0.842   -5.304  -8.100  1.00 0.00 ? 6  DA A OP1    1 
ATOM 163 O OP2    . DA A 1 6  ? 0.286   -3.387  -6.502  1.00 0.00 ? 6  DA A OP2    1 
ATOM 164 O "O5'"  . DA A 1 6  ? 1.912   -5.172  -5.839  1.00 0.00 ? 6  DA A "O5'"  1 
ATOM 165 C "C5'"  . DA A 1 6  ? 2.922   -6.151  -6.027  1.00 0.00 ? 6  DA A "C5'"  1 
ATOM 166 C "C4'"  . DA A 1 6  ? 3.433   -6.660  -4.668  1.00 0.00 ? 6  DA A "C4'"  1 
ATOM 167 O "O4'"  . DA A 1 6  ? 3.781   -5.537  -3.871  1.00 0.00 ? 6  DA A "O4'"  1 
ATOM 168 C "C3'"  . DA A 1 6  ? 2.392   -7.501  -3.911  1.00 0.00 ? 6  DA A "C3'"  1 
ATOM 169 O "O3'"  . DA A 1 6  ? 2.849   -8.828  -3.668  1.00 0.00 ? 6  DA A "O3'"  1 
ATOM 170 C "C2'"  . DA A 1 6  ? 2.197   -6.736  -2.609  1.00 0.00 ? 6  DA A "C2'"  1 
ATOM 171 C "C1'"  . DA A 1 6  ? 3.308   -5.706  -2.550  1.00 0.00 ? 6  DA A "C1'"  1 
ATOM 172 N N9     . DA A 1 6  ? 2.720   -4.453  -2.041  1.00 0.00 ? 6  DA A N9     1 
ATOM 173 C C8     . DA A 1 6  ? 1.838   -3.624  -2.677  1.00 0.00 ? 6  DA A C8     1 
ATOM 174 N N7     . DA A 1 6  ? 1.576   -2.527  -2.020  1.00 0.00 ? 6  DA A N7     1 
ATOM 175 C C5     . DA A 1 6  ? 2.220   -2.725  -0.801  1.00 0.00 ? 6  DA A C5     1 
ATOM 176 C C6     . DA A 1 6  ? 2.284   -1.976  0.390   1.00 0.00 ? 6  DA A C6     1 
ATOM 177 N N6     . DA A 1 6  ? 1.883   -0.702  0.460   1.00 0.00 ? 6  DA A N6     1 
ATOM 178 N N1     . DA A 1 6  ? 2.767   -2.577  1.498   1.00 0.00 ? 6  DA A N1     1 
ATOM 179 C C2     . DA A 1 6  ? 3.231   -3.825  1.409   1.00 0.00 ? 6  DA A C2     1 
ATOM 180 N N3     . DA A 1 6  ? 3.329   -4.589  0.325   1.00 0.00 ? 6  DA A N3     1 
ATOM 181 C C4     . DA A 1 6  ? 2.799   -3.968  -0.762  1.00 0.00 ? 6  DA A C4     1 
ATOM 182 H "H5'"  . DA A 1 6  ? 3.760   -5.706  -6.566  1.00 0.00 ? 6  DA A "H5'"  1 
ATOM 183 H "H5''" . DA A 1 6  ? 2.535   -6.988  -6.611  1.00 0.00 ? 6  DA A "H5''" 1 
ATOM 184 H "H4'"  . DA A 1 6  ? 4.325   -7.265  -4.835  1.00 0.00 ? 6  DA A "H4'"  1 
ATOM 185 H "H3'"  . DA A 1 6  ? 1.457   -7.514  -4.472  1.00 0.00 ? 6  DA A "H3'"  1 
ATOM 186 H "H2'"  . DA A 1 6  ? 1.254   -6.179  -2.696  1.00 0.00 ? 6  DA A "H2'"  1 
ATOM 187 H "H2''" . DA A 1 6  ? 2.274   -7.386  -1.731  1.00 0.00 ? 6  DA A "H2''" 1 
ATOM 188 H "H1'"  . DA A 1 6  ? 4.126   -6.012  -1.903  1.00 0.00 ? 6  DA A "H1'"  1 
ATOM 189 H H8     . DA A 1 6  ? 1.402   -3.909  -3.626  1.00 0.00 ? 6  DA A H8     1 
ATOM 190 H H61    . DA A 1 6  ? 1.972   -0.180  1.322   1.00 0.00 ? 6  DA A H61    1 
ATOM 191 H H62    . DA A 1 6  ? 1.538   -0.246  -0.372  1.00 0.00 ? 6  DA A H62    1 
ATOM 192 H H2     . DA A 1 6  ? 3.575   -4.292  2.322   1.00 0.00 ? 6  DA A H2     1 
ATOM 193 P P      . DT A 1 7  ? 1.866   -10.003 -3.116  1.00 0.00 ? 7  DT A P      1 
ATOM 194 O OP1    . DT A 1 7  ? 2.507   -11.304 -3.410  1.00 0.00 ? 7  DT A OP1    1 
ATOM 195 O OP2    . DT A 1 7  ? 0.501   -9.736  -3.623  1.00 0.00 ? 7  DT A OP2    1 
ATOM 196 O "O5'"  . DT A 1 7  ? 1.832   -9.819  -1.506  1.00 0.00 ? 7  DT A "O5'"  1 
ATOM 197 C "C5'"  . DT A 1 7  ? 2.780   -10.441 -0.653  1.00 0.00 ? 7  DT A "C5'"  1 
ATOM 198 C "C4'"  . DT A 1 7  ? 2.804   -9.754  0.726   1.00 0.00 ? 7  DT A "C4'"  1 
ATOM 199 O "O4'"  . DT A 1 7  ? 2.547   -8.358  0.591   1.00 0.00 ? 7  DT A "O4'"  1 
ATOM 200 C "C3'"  . DT A 1 7  ? 1.761   -10.323 1.700   1.00 0.00 ? 7  DT A "C3'"  1 
ATOM 201 O "O3'"  . DT A 1 7  ? 2.334   -10.453 2.995   1.00 0.00 ? 7  DT A "O3'"  1 
ATOM 202 C "C2'"  . DT A 1 7  ? 0.687   -9.245  1.676   1.00 0.00 ? 7  DT A "C2'"  1 
ATOM 203 C "C1'"  . DT A 1 7  ? 1.519   -7.989  1.495   1.00 0.00 ? 7  DT A "C1'"  1 
ATOM 204 N N1     . DT A 1 7  ? 0.685   -6.856  0.998   1.00 0.00 ? 7  DT A N1     1 
ATOM 205 C C2     . DT A 1 7  ? 0.644   -5.685  1.757   1.00 0.00 ? 7  DT A C2     1 
ATOM 206 O O2     . DT A 1 7  ? 1.135   -5.584  2.879   1.00 0.00 ? 7  DT A O2     1 
ATOM 207 N N3     . DT A 1 7  ? -0.009  -4.605  1.185   1.00 0.00 ? 7  DT A N3     1 
ATOM 208 C C4     . DT A 1 7  ? -0.673  -4.606  -0.031  1.00 0.00 ? 7  DT A C4     1 
ATOM 209 O O4     . DT A 1 7  ? -1.208  -3.578  -0.437  1.00 0.00 ? 7  DT A O4     1 
ATOM 210 C C5     . DT A 1 7  ? -0.724  -5.901  -0.681  1.00 0.00 ? 7  DT A C5     1 
ATOM 211 C C7     . DT A 1 7  ? -1.525  -6.059  -1.959  1.00 0.00 ? 7  DT A C7     1 
ATOM 212 C C6     . DT A 1 7  ? -0.058  -6.964  -0.161  1.00 0.00 ? 7  DT A C6     1 
ATOM 213 H "H5'"  . DT A 1 7  ? 3.779   -10.399 -1.089  1.00 0.00 ? 7  DT A "H5'"  1 
ATOM 214 H "H5''" . DT A 1 7  ? 2.535   -11.499 -0.548  1.00 0.00 ? 7  DT A "H5''" 1 
ATOM 215 H "H4'"  . DT A 1 7  ? 3.799   -9.904  1.152   1.00 0.00 ? 7  DT A "H4'"  1 
ATOM 216 H "H3'"  . DT A 1 7  ? 1.383   -11.284 1.348   1.00 0.00 ? 7  DT A "H3'"  1 
ATOM 217 H "H2'"  . DT A 1 7  ? 0.033   -9.422  0.820   1.00 0.00 ? 7  DT A "H2'"  1 
ATOM 218 H "H2''" . DT A 1 7  ? 0.127   -9.159  2.601   1.00 0.00 ? 7  DT A "H2''" 1 
ATOM 219 H "H1'"  . DT A 1 7  ? 1.983   -7.763  2.459   1.00 0.00 ? 7  DT A "H1'"  1 
ATOM 220 H H3     . DT A 1 7  ? -0.017  -3.752  1.728   1.00 0.00 ? 7  DT A H3     1 
ATOM 221 H H71    . DT A 1 7  ? -1.258  -6.980  -2.479  1.00 0.00 ? 7  DT A H71    1 
ATOM 222 H H72    . DT A 1 7  ? -2.587  -6.083  -1.716  1.00 0.00 ? 7  DT A H72    1 
ATOM 223 H H73    . DT A 1 7  ? -1.328  -5.216  -2.622  1.00 0.00 ? 7  DT A H73    1 
ATOM 224 H H6     . DT A 1 7  ? -0.137  -7.921  -0.667  1.00 0.00 ? 7  DT A H6     1 
ATOM 225 P P      . DA A 1 8  ? 1.565   -11.197 4.213   1.00 0.00 ? 8  DA A P      1 
ATOM 226 O OP1    . DA A 1 8  ? 2.593   -11.689 5.157   1.00 0.00 ? 8  DA A OP1    1 
ATOM 227 O OP2    . DA A 1 8  ? 0.595   -12.152 3.632   1.00 0.00 ? 8  DA A OP2    1 
ATOM 228 O "O5'"  . DA A 1 8  ? 0.722   -10.026 4.947   1.00 0.00 ? 8  DA A "O5'"  1 
ATOM 229 C "C5'"  . DA A 1 8  ? 1.237   -9.324  6.066   1.00 0.00 ? 8  DA A "C5'"  1 
ATOM 230 C "C4'"  . DA A 1 8  ? 0.189   -8.360  6.635   1.00 0.00 ? 8  DA A "C4'"  1 
ATOM 231 O "O4'"  . DA A 1 8  ? -0.176  -7.353  5.705   1.00 0.00 ? 8  DA A "O4'"  1 
ATOM 232 C "C3'"  . DA A 1 8  ? -1.092  -9.084  7.077   1.00 0.00 ? 8  DA A "C3'"  1 
ATOM 233 O "O3'"  . DA A 1 8  ? -1.215  -8.910  8.491   1.00 0.00 ? 8  DA A "O3'"  1 
ATOM 234 C "C2'"  . DA A 1 8  ? -2.187  -8.355  6.300   1.00 0.00 ? 8  DA A "C2'"  1 
ATOM 235 C "C1'"  . DA A 1 8  ? -1.546  -7.044  5.887   1.00 0.00 ? 8  DA A "C1'"  1 
ATOM 236 N N9     . DA A 1 8  ? -2.082  -6.429  4.662   1.00 0.00 ? 8  DA A N9     1 
ATOM 237 C C8     . DA A 1 8  ? -2.216  -6.982  3.423   1.00 0.00 ? 8  DA A C8     1 
ATOM 238 N N7     . DA A 1 8  ? -2.580  -6.137  2.495   1.00 0.00 ? 8  DA A N7     1 
ATOM 239 C C5     . DA A 1 8  ? -2.712  -4.931  3.183   1.00 0.00 ? 8  DA A C5     1 
ATOM 240 C C6     . DA A 1 8  ? -3.100  -3.626  2.803   1.00 0.00 ? 8  DA A C6     1 
ATOM 241 N N6     . DA A 1 8  ? -3.405  -3.285  1.545   1.00 0.00 ? 8  DA A N6     1 
ATOM 242 N N1     . DA A 1 8  ? -3.203  -2.686  3.766   1.00 0.00 ? 8  DA A N1     1 
ATOM 243 C C2     . DA A 1 8  ? -2.918  -3.006  5.028   1.00 0.00 ? 8  DA A C2     1 
ATOM 244 N N3     . DA A 1 8  ? -2.519  -4.180  5.501   1.00 0.00 ? 8  DA A N3     1 
ATOM 245 C C4     . DA A 1 8  ? -2.436  -5.112  4.514   1.00 0.00 ? 8  DA A C4     1 
ATOM 246 H "H5'"  . DA A 1 8  ? 2.137   -8.771  5.797   1.00 0.00 ? 8  DA A "H5'"  1 
ATOM 247 H "H5''" . DA A 1 8  ? 1.492   -10.036 6.853   1.00 0.00 ? 8  DA A "H5''" 1 
ATOM 248 H "H4'"  . DA A 1 8  ? 0.637   -7.860  7.496   1.00 0.00 ? 8  DA A "H4'"  1 
ATOM 249 H "H3'"  . DA A 1 8  ? -1.092  -10.139 6.803   1.00 0.00 ? 8  DA A "H3'"  1 
ATOM 250 H "H2'"  . DA A 1 8  ? -2.625  -8.881  5.458   1.00 0.00 ? 8  DA A "H2'"  1 
ATOM 251 H "H2''" . DA A 1 8  ? -2.966  -8.193  6.997   1.00 0.00 ? 8  DA A "H2''" 1 
ATOM 252 H "H1'"  . DA A 1 8  ? -1.760  -6.351  6.688   1.00 0.00 ? 8  DA A "H1'"  1 
ATOM 253 H H8     . DA A 1 8  ? -2.025  -8.034  3.281   1.00 0.00 ? 8  DA A H8     1 
ATOM 254 H H61    . DA A 1 8  ? -3.686  -2.339  1.318   1.00 0.00 ? 8  DA A H61    1 
ATOM 255 H H62    . DA A 1 8  ? -3.313  -3.970  0.810   1.00 0.00 ? 8  DA A H62    1 
ATOM 256 H H2     . DA A 1 8  ? -3.047  -2.236  5.778   1.00 0.00 ? 8  DA A H2     1 
ATOM 257 P P      . DC A 1 9  ? -2.501  -9.394  9.361   1.00 0.00 ? 9  DC A P      1 
ATOM 258 O OP1    . DC A 1 9  ? -2.068  -9.557  10.768  1.00 0.00 ? 9  DC A OP1    1 
ATOM 259 O OP2    . DC A 1 9  ? -3.137  -10.528 8.655   1.00 0.00 ? 9  DC A OP2    1 
ATOM 260 O "O5'"  . DC A 1 9  ? -3.512  -8.124  9.288   1.00 0.00 ? 9  DC A "O5'"  1 
ATOM 261 C "C5'"  . DC A 1 9  ? -3.326  -6.974  10.093  1.00 0.00 ? 9  DC A "C5'"  1 
ATOM 262 C "C4'"  . DC A 1 9  ? -4.217  -5.798  9.651   1.00 0.00 ? 9  DC A "C4'"  1 
ATOM 263 O "O4'"  . DC A 1 9  ? -4.105  -5.420  8.271   1.00 0.00 ? 9  DC A "O4'"  1 
ATOM 264 C "C3'"  . DC A 1 9  ? -5.701  -6.086  9.906   1.00 0.00 ? 9  DC A "C3'"  1 
ATOM 265 O "O3'"  . DC A 1 9  ? -6.172  -5.173  10.899  1.00 0.00 ? 9  DC A "O3'"  1 
ATOM 266 C "C2'"  . DC A 1 9  ? -6.362  -5.836  8.549   1.00 0.00 ? 9  DC A "C2'"  1 
ATOM 267 C "C1'"  . DC A 1 9  ? -5.373  -4.941  7.802   1.00 0.00 ? 9  DC A "C1'"  1 
ATOM 268 N N1     . DC A 1 9  ? -5.518  -5.011  6.310   1.00 0.00 ? 9  DC A N1     1 
ATOM 269 C C2     . DC A 1 9  ? -5.826  -3.838  5.602   1.00 0.00 ? 9  DC A C2     1 
ATOM 270 O O2     . DC A 1 9  ? -5.916  -2.747  6.159   1.00 0.00 ? 9  DC A O2     1 
ATOM 271 N N3     . DC A 1 9  ? -6.006  -3.908  4.254   1.00 0.00 ? 9  DC A N3     1 
ATOM 272 C C4     . DC A 1 9  ? -5.924  -5.071  3.597   1.00 0.00 ? 9  DC A C4     1 
ATOM 273 N N4     . DC A 1 9  ? -6.120  -5.071  2.274   1.00 0.00 ? 9  DC A N4     1 
ATOM 274 C C5     . DC A 1 9  ? -5.591  -6.282  4.290   1.00 0.00 ? 9  DC A C5     1 
ATOM 275 C C6     . DC A 1 9  ? -5.389  -6.197  5.621   1.00 0.00 ? 9  DC A C6     1 
ATOM 276 H "H5'"  . DC A 1 9  ? -2.282  -6.662  10.110  1.00 0.00 ? 9  DC A "H5'"  1 
ATOM 277 H "H5''" . DC A 1 9  ? -3.590  -7.232  11.119  1.00 0.00 ? 9  DC A "H5''" 1 
ATOM 278 H "H4'"  . DC A 1 9  ? -3.888  -4.974  10.293  1.00 0.00 ? 9  DC A "H4'"  1 
ATOM 279 H "H3'"  . DC A 1 9  ? -5.860  -7.117  10.224  1.00 0.00 ? 9  DC A "H3'"  1 
ATOM 280 H "H2'"  . DC A 1 9  ? -6.447  -6.757  7.932   1.00 0.00 ? 9  DC A "H2'"  1 
ATOM 281 H "H2''" . DC A 1 9  ? -7.305  -5.337  8.821   1.00 0.00 ? 9  DC A "H2''" 1 
ATOM 282 H "H1'"  . DC A 1 9  ? -5.576  -3.911  8.097   1.00 0.00 ? 9  DC A "H1'"  1 
ATOM 283 H H41    . DC A 1 9  ? -6.345  -4.202  1.808   1.00 0.00 ? 9  DC A H41    1 
ATOM 284 H H42    . DC A 1 9  ? -6.053  -5.930  1.748   1.00 0.00 ? 9  DC A H42    1 
ATOM 285 H H5     . DC A 1 9  ? -5.487  -7.252  3.837   1.00 0.00 ? 9  DC A H5     1 
ATOM 286 H H6     . DC A 1 9  ? -5.124  -7.119  6.102   1.00 0.00 ? 9  DC A H6     1 
ATOM 287 P P      . DG A 1 10 ? -7.659  -5.251  11.553  1.00 0.00 ? 10 DG A P      1 
ATOM 288 O OP1    . DG A 1 10 ? -7.624  -4.526  12.842  1.00 0.00 ? 10 DG A OP1    1 
ATOM 289 O OP2    . DG A 1 10 ? -8.100  -6.664  11.524  1.00 0.00 ? 10 DG A OP2    1 
ATOM 290 O "O5'"  . DG A 1 10 ? -8.608  -4.415  10.535  1.00 0.00 ? 10 DG A "O5'"  1 
ATOM 291 C "C5'"  . DG A 1 10 ? -8.697  -3.003  10.582  1.00 0.00 ? 10 DG A "C5'"  1 
ATOM 292 C "C4'"  . DG A 1 10 ? -9.612  -2.432  9.484   1.00 0.00 ? 10 DG A "C4'"  1 
ATOM 293 O "O4'"  . DG A 1 10 ? -9.045  -2.483  8.171   1.00 0.00 ? 10 DG A "O4'"  1 
ATOM 294 C "C3'"  . DG A 1 10 ? -10.974 -3.142  9.400   1.00 0.00 ? 10 DG A "C3'"  1 
ATOM 295 O "O3'"  . DG A 1 10 ? -12.031 -2.195  9.574   1.00 0.00 ? 10 DG A "O3'"  1 
ATOM 296 C "C2'"  . DG A 1 10 ? -10.953 -3.725  8.010   1.00 0.00 ? 10 DG A "C2'"  1 
ATOM 297 C "C1'"  . DG A 1 10 ? -10.098 -2.750  7.250   1.00 0.00 ? 10 DG A "C1'"  1 
ATOM 298 N N9     . DG A 1 10 ? -9.676  -3.291  5.940   1.00 0.00 ? 10 DG A N9     1 
ATOM 299 C C8     . DG A 1 10 ? -8.987  -4.439  5.657   1.00 0.00 ? 10 DG A C8     1 
ATOM 300 N N7     . DG A 1 10 ? -8.855  -4.689  4.386   1.00 0.00 ? 10 DG A N7     1 
ATOM 301 C C5     . DG A 1 10 ? -9.477  -3.612  3.771   1.00 0.00 ? 10 DG A C5     1 
ATOM 302 C C6     . DG A 1 10 ? -9.619  -3.301  2.386   1.00 0.00 ? 10 DG A C6     1 
ATOM 303 O O6     . DG A 1 10 ? -9.158  -3.914  1.427   1.00 0.00 ? 10 DG A O6     1 
ATOM 304 N N1     . DG A 1 10 ? -10.384 -2.158  2.174   1.00 0.00 ? 10 DG A N1     1 
ATOM 305 C C2     . DG A 1 10 ? -10.945 -1.397  3.184   1.00 0.00 ? 10 DG A C2     1 
ATOM 306 N N2     . DG A 1 10 ? -11.688 -0.346  2.826   1.00 0.00 ? 10 DG A N2     1 
ATOM 307 N N3     . DG A 1 10 ? -10.778 -1.666  4.486   1.00 0.00 ? 10 DG A N3     1 
ATOM 308 C C4     . DG A 1 10 ? -10.029 -2.778  4.713   1.00 0.00 ? 10 DG A C4     1 
ATOM 309 H "H5'"  . DG A 1 10 ? -7.710  -2.549  10.502  1.00 0.00 ? 10 DG A "H5'"  1 
ATOM 310 H "H5''" . DG A 1 10 ? -9.125  -2.722  11.546  1.00 0.00 ? 10 DG A "H5''" 1 
ATOM 311 H "H4'"  . DG A 1 10 ? -9.762  -1.385  9.762   1.00 0.00 ? 10 DG A "H4'"  1 
ATOM 312 H "H3'"  . DG A 1 10 ? -11.087 -4.013  10.031  1.00 0.00 ? 10 DG A "H3'"  1 
ATOM 313 H "H2'"  . DG A 1 10 ? -10.520 -4.729  7.983   1.00 0.00 ? 10 DG A "H2'"  1 
ATOM 314 H "H2''" . DG A 1 10 ? -11.966 -3.683  7.683   1.00 0.00 ? 10 DG A "H2''" 1 
ATOM 315 H "H1'"  . DG A 1 10 ? -10.763 -1.914  7.062   1.00 0.00 ? 10 DG A "H1'"  1 
ATOM 316 H H8     . DG A 1 10 ? -8.584  -5.084  6.415   1.00 0.00 ? 10 DG A H8     1 
ATOM 317 H H1     . DG A 1 10 ? -10.541 -1.886  1.211   1.00 0.00 ? 10 DG A H1     1 
ATOM 318 H H21    . DG A 1 10 ? -11.835 -0.131  1.849   1.00 0.00 ? 10 DG A H21    1 
ATOM 319 H H22    . DG A 1 10 ? -12.117 0.223   3.540   1.00 0.00 ? 10 DG A H22    1 
ATOM 320 P P      . DC A 1 11 ? -13.609 -2.602  9.564   1.00 0.00 ? 11 DC A P      1 
ATOM 321 O OP1    . DC A 1 11 ? -14.312 -1.686  10.490  1.00 0.00 ? 11 DC A OP1    1 
ATOM 322 O OP2    . DC A 1 11 ? -13.709 -4.063  9.776   1.00 0.00 ? 11 DC A OP2    1 
ATOM 323 O "O5'"  . DC A 1 11 ? -14.131 -2.289  8.053   1.00 0.00 ? 11 DC A "O5'"  1 
ATOM 324 C "C5'"  . DC A 1 11 ? -14.568 -0.994  7.674   1.00 0.00 ? 11 DC A "C5'"  1 
ATOM 325 C "C4'"  . DC A 1 11 ? -15.146 -0.925  6.250   1.00 0.00 ? 11 DC A "C4'"  1 
ATOM 326 O "O4'"  . DC A 1 11 ? -14.260 -1.402  5.241   1.00 0.00 ? 11 DC A "O4'"  1 
ATOM 327 C "C3'"  . DC A 1 11 ? -16.454 -1.708  6.088   1.00 0.00 ? 11 DC A "C3'"  1 
ATOM 328 O "O3'"  . DC A 1 11 ? -17.389 -0.837  5.449   1.00 0.00 ? 11 DC A "O3'"  1 
ATOM 329 C "C2'"  . DC A 1 11 ? -16.070 -2.893  5.206   1.00 0.00 ? 11 DC A "C2'"  1 
ATOM 330 C "C1'"  . DC A 1 11 ? -14.958 -2.270  4.346   1.00 0.00 ? 11 DC A "C1'"  1 
ATOM 331 N N1     . DC A 1 11 ? -13.980 -3.253  3.770   1.00 0.00 ? 11 DC A N1     1 
ATOM 332 C C2     . DC A 1 11 ? -13.710 -3.166  2.397   1.00 0.00 ? 11 DC A C2     1 
ATOM 333 O O2     . DC A 1 11 ? -14.217 -2.304  1.681   1.00 0.00 ? 11 DC A O2     1 
ATOM 334 N N3     . DC A 1 11 ? -12.871 -4.074  1.830   1.00 0.00 ? 11 DC A N3     1 
ATOM 335 C C4     . DC A 1 11 ? -12.282 -5.026  2.561   1.00 0.00 ? 11 DC A C4     1 
ATOM 336 N N4     . DC A 1 11 ? -11.482 -5.895  1.937   1.00 0.00 ? 11 DC A N4     1 
ATOM 337 C C5     . DC A 1 11 ? -12.425 -5.058  3.990   1.00 0.00 ? 11 DC A C5     1 
ATOM 338 C C6     . DC A 1 11 ? -13.272 -4.157  4.549   1.00 0.00 ? 11 DC A C6     1 
ATOM 339 H "H5'"  . DC A 1 11 ? -13.756 -0.273  7.763   1.00 0.00 ? 11 DC A "H5'"  1 
ATOM 340 H "H5''" . DC A 1 11 ? -15.360 -0.675  8.354   1.00 0.00 ? 11 DC A "H5''" 1 
ATOM 341 H "H4'"  . DC A 1 11 ? -15.339 0.143   6.101   1.00 0.00 ? 11 DC A "H4'"  1 
ATOM 342 H "H3'"  . DC A 1 11 ? -16.825 -2.073  7.044   1.00 0.00 ? 11 DC A "H3'"  1 
ATOM 343 H "H2'"  . DC A 1 11 ? -15.646 -3.727  5.816   1.00 0.00 ? 11 DC A "H2'"  1 
ATOM 344 H "H2''" . DC A 1 11 ? -17.004 -3.131  4.655   1.00 0.00 ? 11 DC A "H2''" 1 
ATOM 345 H "H1'"  . DC A 1 11 ? -15.467 -1.716  3.533   1.00 0.00 ? 11 DC A "H1'"  1 
ATOM 346 H H41    . DC A 1 11 ? -11.359 -5.806  0.936   1.00 0.00 ? 11 DC A H41    1 
ATOM 347 H H42    . DC A 1 11 ? -10.975 -6.593  2.458   1.00 0.00 ? 11 DC A H42    1 
ATOM 348 H H5     . DC A 1 11 ? -11.875 -5.745  4.618   1.00 0.00 ? 11 DC A H5     1 
ATOM 349 H H6     . DC A 1 11 ? -13.338 -4.189  5.635   1.00 0.00 ? 11 DC A H6     1 
ATOM 350 P P      . DG A 1 12 ? -18.908 -1.263  5.059   1.00 0.00 ? 12 DG A P      1 
ATOM 351 O OP1    . DG A 1 12 ? -19.753 -0.050  5.137   1.00 0.00 ? 12 DG A OP1    1 
ATOM 352 O OP2    . DG A 1 12 ? -19.274 -2.458  5.852   1.00 0.00 ? 12 DG A OP2    1 
ATOM 353 O "O5'"  . DG A 1 12 ? -18.803 -1.706  3.499   1.00 0.00 ? 12 DG A "O5'"  1 
ATOM 354 C "C5'"  . DG A 1 12 ? -18.992 -0.771  2.449   1.00 0.00 ? 12 DG A "C5'"  1 
ATOM 355 C "C4'"  . DG A 1 12 ? -18.849 -1.407  1.056   1.00 0.00 ? 12 DG A "C4'"  1 
ATOM 356 O "O4'"  . DG A 1 12 ? -17.583 -2.033  0.847   1.00 0.00 ? 12 DG A "O4'"  1 
ATOM 357 C "C3'"  . DG A 1 12 ? -19.918 -2.474  0.780   1.00 0.00 ? 12 DG A "C3'"  1 
ATOM 358 O "O3'"  . DG A 1 12 ? -20.696 -2.115  -0.343  1.00 0.00 ? 12 DG A "O3'"  1 
ATOM 359 C "C2'"  . DG A 1 12 ? -19.121 -3.736  0.473   1.00 0.00 ? 12 DG A "C2'"  1 
ATOM 360 C "C1'"  . DG A 1 12 ? -17.769 -3.187  0.033   1.00 0.00 ? 12 DG A "C1'"  1 
ATOM 361 N N9     . DG A 1 12 ? -16.702 -4.197  0.238   1.00 0.00 ? 12 DG A N9     1 
ATOM 362 C C8     . DG A 1 12 ? -16.310 -4.790  1.409   1.00 0.00 ? 12 DG A C8     1 
ATOM 363 N N7     . DG A 1 12 ? -15.361 -5.673  1.282   1.00 0.00 ? 12 DG A N7     1 
ATOM 364 C C5     . DG A 1 12 ? -15.086 -5.666  -0.079  1.00 0.00 ? 12 DG A C5     1 
ATOM 365 C C6     . DG A 1 12 ? -14.106 -6.395  -0.820  1.00 0.00 ? 12 DG A C6     1 
ATOM 366 O O6     . DG A 1 12 ? -13.215 -7.127  -0.392  1.00 0.00 ? 12 DG A O6     1 
ATOM 367 N N1     . DG A 1 12 ? -14.194 -6.148  -2.188  1.00 0.00 ? 12 DG A N1     1 
ATOM 368 C C2     . DG A 1 12 ? -15.089 -5.271  -2.772  1.00 0.00 ? 12 DG A C2     1 
ATOM 369 N N2     . DG A 1 12 ? -15.015 -5.115  -4.098  1.00 0.00 ? 12 DG A N2     1 
ATOM 370 N N3     . DG A 1 12 ? -15.983 -4.555  -2.072  1.00 0.00 ? 12 DG A N3     1 
ATOM 371 C C4     . DG A 1 12 ? -15.928 -4.794  -0.733  1.00 0.00 ? 12 DG A C4     1 
ATOM 372 H "H5'"  . DG A 1 12 ? -18.295 0.063   2.539   1.00 0.00 ? 12 DG A "H5'"  1 
ATOM 373 H "H5''" . DG A 1 12 ? -20.002 -0.364  2.521   1.00 0.00 ? 12 DG A "H5''" 1 
ATOM 374 H "H4'"  . DG A 1 12 ? -18.976 -0.572  0.359   1.00 0.00 ? 12 DG A "H4'"  1 
ATOM 375 H "H3'"  . DG A 1 12 ? -20.558 -2.647  1.646   1.00 0.00 ? 12 DG A "H3'"  1 
ATOM 376 H "HO3'" . DG A 1 12 ? -20.110 -1.979  -1.091  1.00 0.00 ? 12 DG A "HO3'" 1 
ATOM 377 H "H2'"  . DG A 1 12 ? -19.022 -4.316  1.391   1.00 0.00 ? 12 DG A "H2'"  1 
ATOM 378 H "H2''" . DG A 1 12 ? -19.574 -4.344  -0.311  1.00 0.00 ? 12 DG A "H2''" 1 
ATOM 379 H "H1'"  . DG A 1 12 ? -17.826 -2.936  -1.030  1.00 0.00 ? 12 DG A "H1'"  1 
ATOM 380 H H8     . DG A 1 12 ? -16.753 -4.541  2.352   1.00 0.00 ? 12 DG A H8     1 
ATOM 381 H H1     . DG A 1 12 ? -13.509 -6.614  -2.770  1.00 0.00 ? 12 DG A H1     1 
ATOM 382 H H21    . DG A 1 12 ? -14.338 -5.644  -4.632  1.00 0.00 ? 12 DG A H21    1 
ATOM 383 H H22    . DG A 1 12 ? -15.625 -4.458  -4.559  1.00 0.00 ? 12 DG A H22    1 
ATOM 384 O "O5'"  . C  B 1 1  ? -7.841  -9.400  -7.923  1.00 0.00 ? 13 C  B "O5'"  1 
ATOM 385 C "C5'"  . C  B 1 1  ? -8.750  -9.241  -8.994  1.00 0.00 ? 13 C  B "C5'"  1 
ATOM 386 C "C4'"  . C  B 1 1  ? -9.893  -8.287  -8.631  1.00 0.00 ? 13 C  B "C4'"  1 
ATOM 387 O "O4'"  . C  B 1 1  ? -10.626 -8.771  -7.502  1.00 0.00 ? 13 C  B "O4'"  1 
ATOM 388 C "C3'"  . C  B 1 1  ? -9.418  -6.878  -8.264  1.00 0.00 ? 13 C  B "C3'"  1 
ATOM 389 O "O3'"  . C  B 1 1  ? -9.256  -5.999  -9.370  1.00 0.00 ? 13 C  B "O3'"  1 
ATOM 390 C "C2'"  . C  B 1 1  ? -10.582 -6.431  -7.407  1.00 0.00 ? 13 C  B "C2'"  1 
ATOM 391 O "O2'"  . C  B 1 1  ? -11.603 -5.841  -8.195  1.00 0.00 ? 13 C  B "O2'"  1 
ATOM 392 C "C1'"  . C  B 1 1  ? -11.132 -7.669  -6.751  1.00 0.00 ? 13 C  B "C1'"  1 
ATOM 393 N N1     . C  B 1 1  ? -10.871 -7.739  -5.281  1.00 0.00 ? 13 C  B N1     1 
ATOM 394 C C2     . C  B 1 1  ? -11.919 -7.415  -4.407  1.00 0.00 ? 13 C  B C2     1 
ATOM 395 O O2     . C  B 1 1  ? -13.044 -7.120  -4.808  1.00 0.00 ? 13 C  B O2     1 
ATOM 396 N N3     . C  B 1 1  ? -11.683 -7.411  -3.070  1.00 0.00 ? 13 C  B N3     1 
ATOM 397 C C4     . C  B 1 1  ? -10.475 -7.690  -2.575  1.00 0.00 ? 13 C  B C4     1 
ATOM 398 N N4     . C  B 1 1  ? -10.336 -7.655  -1.247  1.00 0.00 ? 13 C  B N4     1 
ATOM 399 C C5     . C  B 1 1  ? -9.378  -8.033  -3.443  1.00 0.00 ? 13 C  B C5     1 
ATOM 400 C C6     . C  B 1 1  ? -9.625  -8.046  -4.778  1.00 0.00 ? 13 C  B C6     1 
ATOM 401 H "H5'"  . C  B 1 1  ? -9.166  -10.216 -9.246  1.00 0.00 ? 13 C  B "H5'"  1 
ATOM 402 H "H5''" . C  B 1 1  ? -8.213  -8.852  -9.860  1.00 0.00 ? 13 C  B "H5''" 1 
ATOM 403 H "H4'"  . C  B 1 1  ? -10.551 -8.225  -9.503  1.00 0.00 ? 13 C  B "H4'"  1 
ATOM 404 H "H3'"  . C  B 1 1  ? -8.520  -6.929  -7.647  1.00 0.00 ? 13 C  B "H3'"  1 
ATOM 405 H "H2'"  . C  B 1 1  ? -10.247 -5.814  -6.612  1.00 0.00 ? 13 C  B "H2'"  1 
ATOM 406 H "HO2'" . C  B 1 1  ? -11.777 -6.408  -8.949  1.00 0.00 ? 13 C  B "HO2'" 1 
ATOM 407 H "H1'"  . C  B 1 1  ? -12.181 -7.466  -6.878  1.00 0.00 ? 13 C  B "H1'"  1 
ATOM 408 H H41    . C  B 1 1  ? -11.147 -7.411  -0.689  1.00 0.00 ? 13 C  B H41    1 
ATOM 409 H H42    . C  B 1 1  ? -9.444  -7.843  -0.813  1.00 0.00 ? 13 C  B H42    1 
ATOM 410 H H5     . C  B 1 1  ? -8.389  -8.275  -3.082  1.00 0.00 ? 13 C  B H5     1 
ATOM 411 H H6     . C  B 1 1  ? -8.818  -8.300  -5.453  1.00 0.00 ? 13 C  B H6     1 
ATOM 412 H "HO5'" . C  B 1 1  ? -7.340  -8.588  -7.819  1.00 0.00 ? 13 C  B "HO5'" 1 
ATOM 413 P P      . G  B 1 2  ? -8.784  -4.452  -9.172  1.00 0.00 ? 14 G  B P      1 
ATOM 414 O OP1    . G  B 1 2  ? -8.573  -3.880  -10.519 1.00 0.00 ? 14 G  B OP1    1 
ATOM 415 O OP2    . G  B 1 2  ? -7.664  -4.462  -8.205  1.00 0.00 ? 14 G  B OP2    1 
ATOM 416 O "O5'"  . G  B 1 2  ? -10.020 -3.654  -8.476  1.00 0.00 ? 14 G  B "O5'"  1 
ATOM 417 C "C5'"  . G  B 1 2  ? -11.084 -3.079  -9.227  1.00 0.00 ? 14 G  B "C5'"  1 
ATOM 418 C "C4'"  . G  B 1 2  ? -12.142 -2.412  -8.319  1.00 0.00 ? 14 G  B "C4'"  1 
ATOM 419 O "O4'"  . G  B 1 2  ? -12.761 -3.261  -7.350  1.00 0.00 ? 14 G  B "O4'"  1 
ATOM 420 C "C3'"  . G  B 1 2  ? -11.586 -1.253  -7.494  1.00 0.00 ? 14 G  B "C3'"  1 
ATOM 421 O "O3'"  . G  B 1 2  ? -11.359 -0.077  -8.247  1.00 0.00 ? 14 G  B "O3'"  1 
ATOM 422 C "C2'"  . G  B 1 2  ? -12.745 -1.066  -6.525  1.00 0.00 ? 14 G  B "C2'"  1 
ATOM 423 O "O2'"  . G  B 1 2  ? -13.875 -0.505  -7.166  1.00 0.00 ? 14 G  B "O2'"  1 
ATOM 424 C "C1'"  . G  B 1 2  ? -13.009 -2.494  -6.163  1.00 0.00 ? 14 G  B "C1'"  1 
ATOM 425 N N9     . G  B 1 2  ? -12.323 -2.959  -4.945  1.00 0.00 ? 14 G  B N9     1 
ATOM 426 C C8     . G  B 1 2  ? -11.332 -3.849  -4.960  1.00 0.00 ? 14 G  B C8     1 
ATOM 427 N N7     . G  B 1 2  ? -10.988 -4.368  -3.820  1.00 0.00 ? 14 G  B N7     1 
ATOM 428 C C5     . G  B 1 2  ? -11.872 -3.754  -2.942  1.00 0.00 ? 14 G  B C5     1 
ATOM 429 C C6     . G  B 1 2  ? -12.023 -3.926  -1.533  1.00 0.00 ? 14 G  B C6     1 
ATOM 430 O O6     . G  B 1 2  ? -11.387 -4.666  -0.787  1.00 0.00 ? 14 G  B O6     1 
ATOM 431 N N1     . G  B 1 2  ? -13.035 -3.126  -1.010  1.00 0.00 ? 14 G  B N1     1 
ATOM 432 C C2     . G  B 1 2  ? -13.820 -2.266  -1.759  1.00 0.00 ? 14 G  B C2     1 
ATOM 433 N N2     . G  B 1 2  ? -14.743 -1.560  -1.098  1.00 0.00 ? 14 G  B N2     1 
ATOM 434 N N3     . G  B 1 2  ? -13.694 -2.117  -3.089  1.00 0.00 ? 14 G  B N3     1 
ATOM 435 C C4     . G  B 1 2  ? -12.701 -2.882  -3.620  1.00 0.00 ? 14 G  B C4     1 
ATOM 436 H "H5'"  . G  B 1 2  ? -11.557 -3.817  -9.884  1.00 0.00 ? 14 G  B "H5'"  1 
ATOM 437 H "H5''" . G  B 1 2  ? -10.665 -2.301  -9.866  1.00 0.00 ? 14 G  B "H5''" 1 
ATOM 438 H "H4'"  . G  B 1 2  ? -12.928 -2.026  -8.970  1.00 0.00 ? 14 G  B "H4'"  1 
ATOM 439 H "H3'"  . G  B 1 2  ? -10.701 -1.626  -6.975  1.00 0.00 ? 14 G  B "H3'"  1 
ATOM 440 H "H2'"  . G  B 1 2  ? -12.561 -0.567  -5.598  1.00 0.00 ? 14 G  B "H2'"  1 
ATOM 441 H "HO2'" . G  B 1 2  ? -13.610 0.326   -7.567  1.00 0.00 ? 14 G  B "HO2'" 1 
ATOM 442 H "H1'"  . G  B 1 2  ? -13.977 -2.549  -5.796  1.00 0.00 ? 14 G  B "H1'"  1 
ATOM 443 H H8     . G  B 1 2  ? -11.016 -4.023  -5.946  1.00 0.00 ? 14 G  B H8     1 
ATOM 444 H H1     . G  B 1 2  ? -13.184 -3.190  -0.011  1.00 0.00 ? 14 G  B H1     1 
ATOM 445 H H21    . G  B 1 2  ? -14.831 -1.654  -0.095  1.00 0.00 ? 14 G  B H21    1 
ATOM 446 H H22    . G  B 1 2  ? -15.337 -0.919  -1.605  1.00 0.00 ? 14 G  B H22    1 
ATOM 447 P P      . C  B 1 3  ? -10.483 1.140   -7.653  1.00 0.00 ? 15 C  B P      1 
ATOM 448 O OP1    . C  B 1 3  ? -10.689 2.317   -8.525  1.00 0.00 ? 15 C  B OP1    1 
ATOM 449 O OP2    . C  B 1 3  ? -9.114  0.632   -7.415  1.00 0.00 ? 15 C  B OP2    1 
ATOM 450 O "O5'"  . C  B 1 3  ? -11.149 1.445   -6.214  1.00 0.00 ? 15 C  B "O5'"  1 
ATOM 451 C "C5'"  . C  B 1 3  ? -12.226 2.346   -6.042  1.00 0.00 ? 15 C  B "C5'"  1 
ATOM 452 C "C4'"  . C  B 1 3  ? -12.615 2.421   -4.555  1.00 0.00 ? 15 C  B "C4'"  1 
ATOM 453 O "O4'"  . C  B 1 3  ? -12.990 1.184   -3.936  1.00 0.00 ? 15 C  B "O4'"  1 
ATOM 454 C "C3'"  . C  B 1 3  ? -11.486 2.921   -3.659  1.00 0.00 ? 15 C  B "C3'"  1 
ATOM 455 O "O3'"  . C  B 1 3  ? -11.164 4.289   -3.805  1.00 0.00 ? 15 C  B "O3'"  1 
ATOM 456 C "C2'"  . C  B 1 3  ? -12.139 2.633   -2.315  1.00 0.00 ? 15 C  B "C2'"  1 
ATOM 457 O "O2'"  . C  B 1 3  ? -13.270 3.449   -2.062  1.00 0.00 ? 15 C  B "O2'"  1 
ATOM 458 C "C1'"  . C  B 1 3  ? -12.572 1.199   -2.561  1.00 0.00 ? 15 C  B "C1'"  1 
ATOM 459 N N1     . C  B 1 3  ? -11.504 0.203   -2.227  1.00 0.00 ? 15 C  B N1     1 
ATOM 460 C C2     . C  B 1 3  ? -11.402 -0.241  -0.905  1.00 0.00 ? 15 C  B C2     1 
ATOM 461 O O2     . C  B 1 3  ? -12.099 0.242   -0.015  1.00 0.00 ? 15 C  B O2     1 
ATOM 462 N N3     . C  B 1 3  ? -10.515 -1.234  -0.610  1.00 0.00 ? 15 C  B N3     1 
ATOM 463 C C4     . C  B 1 3  ? -9.716  -1.755  -1.554  1.00 0.00 ? 15 C  B C4     1 
ATOM 464 N N4     . C  B 1 3  ? -8.861  -2.727  -1.220  1.00 0.00 ? 15 C  B N4     1 
ATOM 465 C C5     . C  B 1 3  ? -9.798  -1.317  -2.913  1.00 0.00 ? 15 C  B C5     1 
ATOM 466 C C6     . C  B 1 3  ? -10.701 -0.351  -3.193  1.00 0.00 ? 15 C  B C6     1 
ATOM 467 H "H5'"  . C  B 1 3  ? -13.094 2.087   -6.658  1.00 0.00 ? 15 C  B "H5'"  1 
ATOM 468 H "H5''" . C  B 1 3  ? -11.897 3.340   -6.347  1.00 0.00 ? 15 C  B "H5''" 1 
ATOM 469 H "H4'"  . C  B 1 3  ? -13.457 3.110   -4.503  1.00 0.00 ? 15 C  B "H4'"  1 
ATOM 470 H "H3'"  . C  B 1 3  ? -10.622 2.265   -3.813  1.00 0.00 ? 15 C  B "H3'"  1 
ATOM 471 H "H2'"  . C  B 1 3  ? -11.499 2.729   -1.463  1.00 0.00 ? 15 C  B "H2'"  1 
ATOM 472 H "HO2'" . C  B 1 3  ? -13.990 3.173   -2.631  1.00 0.00 ? 15 C  B "HO2'" 1 
ATOM 473 H "H1'"  . C  B 1 3  ? -13.375 1.015   -1.869  1.00 0.00 ? 15 C  B "H1'"  1 
ATOM 474 H H41    . C  B 1 3  ? -8.818  -3.049  -0.263  1.00 0.00 ? 15 C  B H41    1 
ATOM 475 H H42    . C  B 1 3  ? -8.270  -3.144  -1.922  1.00 0.00 ? 15 C  B H42    1 
ATOM 476 H H5     . C  B 1 3  ? -9.219  -1.747  -3.714  1.00 0.00 ? 15 C  B H5     1 
ATOM 477 H H6     . C  B 1 3  ? -10.788 -0.031  -4.209  1.00 0.00 ? 15 C  B H6     1 
ATOM 478 P P      . G  B 1 4  ? -9.758  4.871   -3.260  1.00 0.00 ? 16 G  B P      1 
ATOM 479 O OP1    . G  B 1 4  ? -9.802  6.346   -3.380  1.00 0.00 ? 16 G  B OP1    1 
ATOM 480 O OP2    . G  B 1 4  ? -8.672  4.117   -3.923  1.00 0.00 ? 16 G  B OP2    1 
ATOM 481 O "O5'"  . G  B 1 4  ? -9.728  4.491   -1.688  1.00 0.00 ? 16 G  B "O5'"  1 
ATOM 482 C "C5'"  . G  B 1 4  ? -10.508 5.190   -0.737  1.00 0.00 ? 16 G  B "C5'"  1 
ATOM 483 C "C4'"  . G  B 1 4  ? -10.292 4.630   0.675   1.00 0.00 ? 16 G  B "C4'"  1 
ATOM 484 O "O4'"  . G  B 1 4  ? -10.657 3.267   0.830   1.00 0.00 ? 16 G  B "O4'"  1 
ATOM 485 C "C3'"  . G  B 1 4  ? -8.838  4.684   1.132   1.00 0.00 ? 16 G  B "C3'"  1 
ATOM 486 O "O3'"  . G  B 1 4  ? -8.453  6.016   1.432   1.00 0.00 ? 16 G  B "O3'"  1 
ATOM 487 C "C2'"  . G  B 1 4  ? -8.953  3.818   2.380   1.00 0.00 ? 16 G  B "C2'"  1 
ATOM 488 O "O2'"  . G  B 1 4  ? -9.610  4.502   3.429   1.00 0.00 ? 16 G  B "O2'"  1 
ATOM 489 C "C1'"  . G  B 1 4  ? -9.836  2.715   1.854   1.00 0.00 ? 16 G  B "C1'"  1 
ATOM 490 N N9     . G  B 1 4  ? -9.021  1.577   1.414   1.00 0.00 ? 16 G  B N9     1 
ATOM 491 C C8     . G  B 1 4  ? -8.718  1.225   0.146   1.00 0.00 ? 16 G  B C8     1 
ATOM 492 N N7     . G  B 1 4  ? -7.950  0.178   0.036   1.00 0.00 ? 16 G  B N7     1 
ATOM 493 C C5     . G  B 1 4  ? -7.758  -0.221  1.356   1.00 0.00 ? 16 G  B C5     1 
ATOM 494 C C6     . G  B 1 4  ? -7.064  -1.345  1.899   1.00 0.00 ? 16 G  B C6     1 
ATOM 495 O O6     . G  B 1 4  ? -6.479  -2.243  1.297   1.00 0.00 ? 16 G  B O6     1 
ATOM 496 N N1     . G  B 1 4  ? -7.102  -1.368  3.292   1.00 0.00 ? 16 G  B N1     1 
ATOM 497 C C2     . G  B 1 4  ? -7.745  -0.425  4.075   1.00 0.00 ? 16 G  B C2     1 
ATOM 498 N N2     . G  B 1 4  ? -7.679  -0.569  5.401   1.00 0.00 ? 16 G  B N2     1 
ATOM 499 N N3     . G  B 1 4  ? -8.424  0.611   3.567   1.00 0.00 ? 16 G  B N3     1 
ATOM 500 C C4     . G  B 1 4  ? -8.396  0.650   2.209   1.00 0.00 ? 16 G  B C4     1 
ATOM 501 H "H5'"  . G  B 1 4  ? -11.565 5.126   -0.989  1.00 0.00 ? 16 G  B "H5'"  1 
ATOM 502 H "H5''" . G  B 1 4  ? -10.216 6.240   -0.736  1.00 0.00 ? 16 G  B "H5''" 1 
ATOM 503 H "H4'"  . G  B 1 4  ? -10.904 5.220   1.360   1.00 0.00 ? 16 G  B "H4'"  1 
ATOM 504 H "H3'"  . G  B 1 4  ? -8.222  4.174   0.382   1.00 0.00 ? 16 G  B "H3'"  1 
ATOM 505 H "H2'"  . G  B 1 4  ? -8.052  3.344   2.735   1.00 0.00 ? 16 G  B "H2'"  1 
ATOM 506 H "HO2'" . G  B 1 4  ? -9.161  5.338   3.569   1.00 0.00 ? 16 G  B "HO2'" 1 
ATOM 507 H "H1'"  . G  B 1 4  ? -10.382 2.344   2.678   1.00 0.00 ? 16 G  B "H1'"  1 
ATOM 508 H H8     . G  B 1 4  ? -9.157  1.814   -0.630  1.00 0.00 ? 16 G  B H8     1 
ATOM 509 H H1     . G  B 1 4  ? -6.625  -2.139  3.744   1.00 0.00 ? 16 G  B H1     1 
ATOM 510 H H21    . G  B 1 4  ? -7.154  -1.331  5.810   1.00 0.00 ? 16 G  B H21    1 
ATOM 511 H H22    . G  B 1 4  ? -8.146  0.098   5.996   1.00 0.00 ? 16 G  B H22    1 
ATOM 512 P P      . DT B 1 5  ? -6.914  6.432   1.652   1.00 0.00 ? 17 DT B P      1 
ATOM 513 O OP1    . DT B 1 5  ? -6.880  7.852   2.068   1.00 0.00 ? 17 DT B OP1    1 
ATOM 514 O OP2    . DT B 1 5  ? -6.154  5.998   0.460   1.00 0.00 ? 17 DT B OP2    1 
ATOM 515 O "O5'"  . DT B 1 5  ? -6.435  5.524   2.893   1.00 0.00 ? 17 DT B "O5'"  1 
ATOM 516 C "C5'"  . DT B 1 5  ? -6.562  5.914   4.249   1.00 0.00 ? 17 DT B "C5'"  1 
ATOM 517 C "C4'"  . DT B 1 5  ? -5.891  4.838   5.117   1.00 0.00 ? 17 DT B "C4'"  1 
ATOM 518 O "O4'"  . DT B 1 5  ? -6.376  3.542   4.782   1.00 0.00 ? 17 DT B "O4'"  1 
ATOM 519 C "C3'"  . DT B 1 5  ? -4.382  4.803   4.867   1.00 0.00 ? 17 DT B "C3'"  1 
ATOM 520 O "O3'"  . DT B 1 5  ? -3.691  5.614   5.810   1.00 0.00 ? 17 DT B "O3'"  1 
ATOM 521 C "C2'"  . DT B 1 5  ? -4.008  3.336   4.983   1.00 0.00 ? 17 DT B "C2'"  1 
ATOM 522 C "C1'"  . DT B 1 5  ? -5.323  2.587   4.872   1.00 0.00 ? 17 DT B "C1'"  1 
ATOM 523 N N1     . DT B 1 5  ? -5.204  1.708   3.685   1.00 0.00 ? 17 DT B N1     1 
ATOM 524 C C2     . DT B 1 5  ? -4.584  0.472   3.863   1.00 0.00 ? 17 DT B C2     1 
ATOM 525 O O2     . DT B 1 5  ? -4.329  0.001   4.970   1.00 0.00 ? 17 DT B O2     1 
ATOM 526 N N3     . DT B 1 5  ? -4.184  -0.186  2.714   1.00 0.00 ? 17 DT B N3     1 
ATOM 527 C C4     . DT B 1 5  ? -4.338  0.268   1.414   1.00 0.00 ? 17 DT B C4     1 
ATOM 528 O O4     . DT B 1 5  ? -3.940  -0.426  0.481   1.00 0.00 ? 17 DT B O4     1 
ATOM 529 C C5     . DT B 1 5  ? -4.941  1.588   1.314   1.00 0.00 ? 17 DT B C5     1 
ATOM 530 C C7     . DT B 1 5  ? -5.107  2.238   -0.045  1.00 0.00 ? 17 DT B C7     1 
ATOM 531 C C6     . DT B 1 5  ? -5.339  2.250   2.432   1.00 0.00 ? 17 DT B C6     1 
ATOM 532 H "H5'"  . DT B 1 5  ? -7.609  6.028   4.535   1.00 0.00 ? 17 DT B "H5'"  1 
ATOM 533 H "H5''" . DT B 1 5  ? -6.050  6.863   4.415   1.00 0.00 ? 17 DT B "H5''" 1 
ATOM 534 H "H4'"  . DT B 1 5  ? -6.088  5.076   6.166   1.00 0.00 ? 17 DT B "H4'"  1 
ATOM 535 H "H3'"  . DT B 1 5  ? -4.218  5.073   3.819   1.00 0.00 ? 17 DT B "H3'"  1 
ATOM 536 H "H2'"  . DT B 1 5  ? -3.411  3.123   4.102   1.00 0.00 ? 17 DT B "H2'"  1 
ATOM 537 H "H2''" . DT B 1 5  ? -3.487  3.046   5.901   1.00 0.00 ? 17 DT B "H2''" 1 
ATOM 538 H "H1'"  . DT B 1 5  ? -5.441  1.990   5.765   1.00 0.00 ? 17 DT B "H1'"  1 
ATOM 539 H H3     . DT B 1 5  ? -3.734  -1.080  2.849   1.00 0.00 ? 17 DT B H3     1 
ATOM 540 H H71    . DT B 1 5  ? -4.158  2.682   -0.350  1.00 0.00 ? 17 DT B H71    1 
ATOM 541 H H72    . DT B 1 5  ? -5.405  1.490   -0.780  1.00 0.00 ? 17 DT B H72    1 
ATOM 542 H H73    . DT B 1 5  ? -5.870  3.017   -0.010  1.00 0.00 ? 17 DT B H73    1 
ATOM 543 H H6     . DT B 1 5  ? -5.697  3.267   2.375   1.00 0.00 ? 17 DT B H6     1 
ATOM 544 P P      . DA B 1 6  ? -2.073  5.742   5.861   1.00 0.00 ? 18 DA B P      1 
ATOM 545 O OP1    . DA B 1 6  ? -1.743  6.900   6.721   1.00 0.00 ? 18 DA B OP1    1 
ATOM 546 O OP2    . DA B 1 6  ? -1.569  5.700   4.470   1.00 0.00 ? 18 DA B OP2    1 
ATOM 547 O "O5'"  . DA B 1 6  ? -1.549  4.406   6.614   1.00 0.00 ? 18 DA B "O5'"  1 
ATOM 548 C "C5'"  . DA B 1 6  ? -1.880  4.112   7.963   1.00 0.00 ? 18 DA B "C5'"  1 
ATOM 549 C "C4'"  . DA B 1 6  ? -1.367  2.712   8.346   1.00 0.00 ? 18 DA B "C4'"  1 
ATOM 550 O "O4'"  . DA B 1 6  ? -1.819  1.785   7.369   1.00 0.00 ? 18 DA B "O4'"  1 
ATOM 551 C "C3'"  . DA B 1 6  ? 0.165   2.635   8.430   1.00 0.00 ? 18 DA B "C3'"  1 
ATOM 552 O "O3'"  . DA B 1 6  ? 0.612   2.273   9.733   1.00 0.00 ? 18 DA B "O3'"  1 
ATOM 553 C "C2'"  . DA B 1 6  ? 0.525   1.570   7.404   1.00 0.00 ? 18 DA B "C2'"  1 
ATOM 554 C "C1'"  . DA B 1 6  ? -0.778  0.897   7.016   1.00 0.00 ? 18 DA B "C1'"  1 
ATOM 555 N N9     . DA B 1 6  ? -0.745  0.683   5.558   1.00 0.00 ? 18 DA B N9     1 
ATOM 556 C C8     . DA B 1 6  ? -0.812  1.629   4.572   1.00 0.00 ? 18 DA B C8     1 
ATOM 557 N N7     . DA B 1 6  ? -0.862  1.133   3.366   1.00 0.00 ? 18 DA B N7     1 
ATOM 558 C C5     . DA B 1 6  ? -0.669  -0.230  3.575   1.00 0.00 ? 18 DA B C5     1 
ATOM 559 C C6     . DA B 1 6  ? -0.537  -1.331  2.706   1.00 0.00 ? 18 DA B C6     1 
ATOM 560 N N6     . DA B 1 6  ? -0.845  -1.262  1.405   1.00 0.00 ? 18 DA B N6     1 
ATOM 561 N N1     . DA B 1 6  ? -0.079  -2.496  3.213   1.00 0.00 ? 18 DA B N1     1 
ATOM 562 C C2     . DA B 1 6  ? 0.161   -2.583  4.522   1.00 0.00 ? 18 DA B C2     1 
ATOM 563 N N3     . DA B 1 6  ? -0.030  -1.654  5.455   1.00 0.00 ? 18 DA B N3     1 
ATOM 564 C C4     . DA B 1 6  ? -0.453  -0.485  4.906   1.00 0.00 ? 18 DA B C4     1 
ATOM 565 H "H5'"  . DA B 1 6  ? -2.964  4.126   8.079   1.00 0.00 ? 18 DA B "H5'"  1 
ATOM 566 H "H5''" . DA B 1 6  ? -1.446  4.858   8.630   1.00 0.00 ? 18 DA B "H5''" 1 
ATOM 567 H "H4'"  . DA B 1 6  ? -1.790  2.441   9.314   1.00 0.00 ? 18 DA B "H4'"  1 
ATOM 568 H "H3'"  . DA B 1 6  ? 0.595   3.592   8.130   1.00 0.00 ? 18 DA B "H3'"  1 
ATOM 569 H "H2'"  . DA B 1 6  ? 0.891   2.089   6.507   1.00 0.00 ? 18 DA B "H2'"  1 
ATOM 570 H "H2''" . DA B 1 6  ? 1.203   0.813   7.813   1.00 0.00 ? 18 DA B "H2''" 1 
ATOM 571 H "H1'"  . DA B 1 6  ? -0.921  -0.056  7.519   1.00 0.00 ? 18 DA B "H1'"  1 
ATOM 572 H H8     . DA B 1 6  ? -0.793  2.682   4.820   1.00 0.00 ? 18 DA B H8     1 
ATOM 573 H H61    . DA B 1 6  ? -0.771  -2.079  0.814   1.00 0.00 ? 18 DA B H61    1 
ATOM 574 H H62    . DA B 1 6  ? -1.204  -0.397  1.028   1.00 0.00 ? 18 DA B H62    1 
ATOM 575 H H2     . DA B 1 6  ? 0.563   -3.516  4.892   1.00 0.00 ? 18 DA B H2     1 
ATOM 576 P P      . DT B 1 7  ? 2.179   2.360   10.175  1.00 0.00 ? 19 DT B P      1 
ATOM 577 O OP1    . DT B 1 7  ? 2.229   2.375   11.654  1.00 0.00 ? 19 DT B OP1    1 
ATOM 578 O OP2    . DT B 1 7  ? 2.809   3.463   9.416   1.00 0.00 ? 19 DT B OP2    1 
ATOM 579 O "O5'"  . DT B 1 7  ? 2.849   0.975   9.669   1.00 0.00 ? 19 DT B "O5'"  1 
ATOM 580 C "C5'"  . DT B 1 7  ? 2.856   -0.197  10.467  1.00 0.00 ? 19 DT B "C5'"  1 
ATOM 581 C "C4'"  . DT B 1 7  ? 3.124   -1.444  9.599   1.00 0.00 ? 19 DT B "C4'"  1 
ATOM 582 O "O4'"  . DT B 1 7  ? 2.556   -1.279  8.302   1.00 0.00 ? 19 DT B "O4'"  1 
ATOM 583 C "C3'"  . DT B 1 7  ? 4.621   -1.737  9.413   1.00 0.00 ? 19 DT B "C3'"  1 
ATOM 584 O "O3'"  . DT B 1 7  ? 4.852   -3.136  9.520   1.00 0.00 ? 19 DT B "O3'"  1 
ATOM 585 C "C2'"  . DT B 1 7  ? 4.864   -1.244  7.994   1.00 0.00 ? 19 DT B "C2'"  1 
ATOM 586 C "C1'"  . DT B 1 7  ? 3.541   -1.571  7.326   1.00 0.00 ? 19 DT B "C1'"  1 
ATOM 587 N N1     . DT B 1 7  ? 3.363   -0.788  6.069   1.00 0.00 ? 19 DT B N1     1 
ATOM 588 C C2     . DT B 1 7  ? 3.156   -1.489  4.880   1.00 0.00 ? 19 DT B C2     1 
ATOM 589 O O2     . DT B 1 7  ? 3.258   -2.710  4.783   1.00 0.00 ? 19 DT B O2     1 
ATOM 590 N N3     . DT B 1 7  ? 2.832   -0.730  3.768   1.00 0.00 ? 19 DT B N3     1 
ATOM 591 C C4     . DT B 1 7  ? 2.760   0.653   3.719   1.00 0.00 ? 19 DT B C4     1 
ATOM 592 O O4     . DT B 1 7  ? 2.452   1.215   2.671   1.00 0.00 ? 19 DT B O4     1 
ATOM 593 C C5     . DT B 1 7  ? 3.148   1.314   4.952   1.00 0.00 ? 19 DT B C5     1 
ATOM 594 C C7     . DT B 1 7  ? 3.227   2.828   4.990   1.00 0.00 ? 19 DT B C7     1 
ATOM 595 C C6     . DT B 1 7  ? 3.430   0.591   6.066   1.00 0.00 ? 19 DT B C6     1 
ATOM 596 H "H5'"  . DT B 1 7  ? 1.903   -0.321  10.982  1.00 0.00 ? 19 DT B "H5'"  1 
ATOM 597 H "H5''" . DT B 1 7  ? 3.615   -0.104  11.244  1.00 0.00 ? 19 DT B "H5''" 1 
ATOM 598 H "H4'"  . DT B 1 7  ? 2.661   -2.298  10.096  1.00 0.00 ? 19 DT B "H4'"  1 
ATOM 599 H "H3'"  . DT B 1 7  ? 5.218   -1.192  10.146  1.00 0.00 ? 19 DT B "H3'"  1 
ATOM 600 H "H2'"  . DT B 1 7  ? 5.046   -0.168  8.020   1.00 0.00 ? 19 DT B "H2'"  1 
ATOM 601 H "H2''" . DT B 1 7  ? 5.655   -1.772  7.472   1.00 0.00 ? 19 DT B "H2''" 1 
ATOM 602 H "H1'"  . DT B 1 7  ? 3.525   -2.649  7.143   1.00 0.00 ? 19 DT B "H1'"  1 
ATOM 603 H H3     . DT B 1 7  ? 2.662   -1.243  2.914   1.00 0.00 ? 19 DT B H3     1 
ATOM 604 H H71    . DT B 1 7  ? 3.247   3.195   6.017   1.00 0.00 ? 19 DT B H71    1 
ATOM 605 H H72    . DT B 1 7  ? 4.133   3.153   4.477   1.00 0.00 ? 19 DT B H72    1 
ATOM 606 H H73    . DT B 1 7  ? 2.358   3.254   4.486   1.00 0.00 ? 19 DT B H73    1 
ATOM 607 H H6     . DT B 1 7  ? 3.736   1.121   6.962   1.00 0.00 ? 19 DT B H6     1 
ATOM 608 P P      . DA B 1 8  ? 6.343   -3.769  9.558   1.00 0.00 ? 20 DA B P      1 
ATOM 609 O OP1    . DA B 1 8  ? 6.261   -5.068  10.263  1.00 0.00 ? 20 DA B OP1    1 
ATOM 610 O OP2    . DA B 1 8  ? 7.274   -2.730  10.053  1.00 0.00 ? 20 DA B OP2    1 
ATOM 611 O "O5'"  . DA B 1 8  ? 6.708   -4.058  8.007   1.00 0.00 ? 20 DA B "O5'"  1 
ATOM 612 C "C5'"  . DA B 1 8  ? 6.482   -5.324  7.409   1.00 0.00 ? 20 DA B "C5'"  1 
ATOM 613 C "C4'"  . DA B 1 8  ? 7.026   -5.354  5.975   1.00 0.00 ? 20 DA B "C4'"  1 
ATOM 614 O "O4'"  . DA B 1 8  ? 6.373   -4.416  5.134   1.00 0.00 ? 20 DA B "O4'"  1 
ATOM 615 C "C3'"  . DA B 1 8  ? 8.535   -5.073  5.916   1.00 0.00 ? 20 DA B "C3'"  1 
ATOM 616 O "O3'"  . DA B 1 8  ? 9.169   -6.252  5.415   1.00 0.00 ? 20 DA B "O3'"  1 
ATOM 617 C "C2'"  . DA B 1 8  ? 8.631   -3.896  4.948   1.00 0.00 ? 20 DA B "C2'"  1 
ATOM 618 C "C1'"  . DA B 1 8  ? 7.313   -3.918  4.199   1.00 0.00 ? 20 DA B "C1'"  1 
ATOM 619 N N9     . DA B 1 8  ? 6.854   -2.619  3.679   1.00 0.00 ? 20 DA B N9     1 
ATOM 620 C C8     . DA B 1 8  ? 6.676   -1.449  4.356   1.00 0.00 ? 20 DA B C8     1 
ATOM 621 N N7     . DA B 1 8  ? 6.104   -0.505  3.655   1.00 0.00 ? 20 DA B N7     1 
ATOM 622 C C5     . DA B 1 8  ? 5.906   -1.097  2.409   1.00 0.00 ? 20 DA B C5     1 
ATOM 623 C C6     . DA B 1 8  ? 5.368   -0.641  1.184   1.00 0.00 ? 20 DA B C6     1 
ATOM 624 N N6     . DA B 1 8  ? 4.855   0.584   1.016   1.00 0.00 ? 20 DA B N6     1 
ATOM 625 N N1     . DA B 1 8  ? 5.406   -1.472  0.121   1.00 0.00 ? 20 DA B N1     1 
ATOM 626 C C2     . DA B 1 8  ? 5.925   -2.691  0.260   1.00 0.00 ? 20 DA B C2     1 
ATOM 627 N N3     . DA B 1 8  ? 6.431   -3.241  1.358   1.00 0.00 ? 20 DA B N3     1 
ATOM 628 C C4     . DA B 1 8  ? 6.391   -2.382  2.410   1.00 0.00 ? 20 DA B C4     1 
ATOM 629 H "H5'"  . DA B 1 8  ? 5.420   -5.568  7.405   1.00 0.00 ? 20 DA B "H5'"  1 
ATOM 630 H "H5''" . DA B 1 8  ? 7.009   -6.091  7.977   1.00 0.00 ? 20 DA B "H5''" 1 
ATOM 631 H "H4'"  . DA B 1 8  ? 6.827   -6.348  5.569   1.00 0.00 ? 20 DA B "H4'"  1 
ATOM 632 H "H3'"  . DA B 1 8  ? 8.942   -4.783  6.885   1.00 0.00 ? 20 DA B "H3'"  1 
ATOM 633 H "H2'"  . DA B 1 8  ? 8.844   -2.924  5.375   1.00 0.00 ? 20 DA B "H2'"  1 
ATOM 634 H "H2''" . DA B 1 8  ? 9.436   -4.131  4.302   1.00 0.00 ? 20 DA B "H2''" 1 
ATOM 635 H "H1'"  . DA B 1 8  ? 7.479   -4.544  3.333   1.00 0.00 ? 20 DA B "H1'"  1 
ATOM 636 H H8     . DA B 1 8  ? 6.999   -1.367  5.381   1.00 0.00 ? 20 DA B H8     1 
ATOM 637 H H61    . DA B 1 8  ? 4.486   0.873   0.119   1.00 0.00 ? 20 DA B H61    1 
ATOM 638 H H62    . DA B 1 8  ? 4.801   1.211   1.806   1.00 0.00 ? 20 DA B H62    1 
ATOM 639 H H2     . DA B 1 8  ? 5.970   -3.317  -0.621  1.00 0.00 ? 20 DA B H2     1 
ATOM 640 P P      . DC B 1 9  ? 10.753  -6.355  5.060   1.00 0.00 ? 21 DC B P      1 
ATOM 641 O OP1    . DC B 1 9  ? 11.142  -7.782  5.106   1.00 0.00 ? 21 DC B OP1    1 
ATOM 642 O OP2    . DC B 1 9  ? 11.479  -5.369  5.891   1.00 0.00 ? 21 DC B OP2    1 
ATOM 643 O "O5'"  . DC B 1 9  ? 10.827  -5.862  3.513   1.00 0.00 ? 21 DC B "O5'"  1 
ATOM 644 C "C5'"  . DC B 1 9  ? 10.467  -6.712  2.440   1.00 0.00 ? 21 DC B "C5'"  1 
ATOM 645 C "C4'"  . DC B 1 9  ? 10.336  -5.951  1.107   1.00 0.00 ? 21 DC B "C4'"  1 
ATOM 646 O "O4'"  . DC B 1 9  ? 9.453   -4.819  1.119   1.00 0.00 ? 21 DC B "O4'"  1 
ATOM 647 C "C3'"  . DC B 1 9  ? 11.695  -5.440  0.614   1.00 0.00 ? 21 DC B "C3'"  1 
ATOM 648 O "O3'"  . DC B 1 9  ? 12.012  -6.117  -0.603  1.00 0.00 ? 21 DC B "O3'"  1 
ATOM 649 C "C2'"  . DC B 1 9  ? 11.463  -3.944  0.388   1.00 0.00 ? 21 DC B "C2'"  1 
ATOM 650 C "C1'"  . DC B 1 9  ? 9.948   -3.818  0.222   1.00 0.00 ? 21 DC B "C1'"  1 
ATOM 651 N N1     . DC B 1 9  ? 9.428   -2.443  0.523   1.00 0.00 ? 21 DC B N1     1 
ATOM 652 C C2     . DC B 1 9  ? 8.753   -1.735  -0.485  1.00 0.00 ? 21 DC B C2     1 
ATOM 653 O O2     . DC B 1 9  ? 8.526   -2.230  -1.586  1.00 0.00 ? 21 DC B O2     1 
ATOM 654 N N3     . DC B 1 9  ? 8.317   -0.470  -0.226  1.00 0.00 ? 21 DC B N3     1 
ATOM 655 C C4     . DC B 1 9  ? 8.541   0.120   0.954   1.00 0.00 ? 21 DC B C4     1 
ATOM 656 N N4     . DC B 1 9  ? 8.092   1.364   1.142   1.00 0.00 ? 21 DC B N4     1 
ATOM 657 C C5     . DC B 1 9  ? 9.209   -0.586  2.010   1.00 0.00 ? 21 DC B C5     1 
ATOM 658 C C6     . DC B 1 9  ? 9.616   -1.847  1.751   1.00 0.00 ? 21 DC B C6     1 
ATOM 659 H "H5'"  . DC B 1 9  ? 9.544   -7.253  2.649   1.00 0.00 ? 21 DC B "H5'"  1 
ATOM 660 H "H5''" . DC B 1 9  ? 11.249  -7.464  2.326   1.00 0.00 ? 21 DC B "H5''" 1 
ATOM 661 H "H4'"  . DC B 1 9  ? 9.959   -6.712  0.415   1.00 0.00 ? 21 DC B "H4'"  1 
ATOM 662 H "H3'"  . DC B 1 9  ? 12.477  -5.596  1.357   1.00 0.00 ? 21 DC B "H3'"  1 
ATOM 663 H "H2'"  . DC B 1 9  ? 11.712  -3.320  1.273   1.00 0.00 ? 21 DC B "H2'"  1 
ATOM 664 H "H2''" . DC B 1 9  ? 12.037  -3.747  -0.530  1.00 0.00 ? 21 DC B "H2''" 1 
ATOM 665 H "H1'"  . DC B 1 9  ? 9.717   -4.026  -0.823  1.00 0.00 ? 21 DC B "H1'"  1 
ATOM 666 H H41    . DC B 1 9  ? 7.615   1.837   0.384   1.00 0.00 ? 21 DC B H41    1 
ATOM 667 H H42    . DC B 1 9  ? 8.236   1.830   2.024   1.00 0.00 ? 21 DC B H42    1 
ATOM 668 H H5     . DC B 1 9  ? 9.412   -0.194  2.990   1.00 0.00 ? 21 DC B H5     1 
ATOM 669 H H6     . DC B 1 9  ? 10.095  -2.350  2.570   1.00 0.00 ? 21 DC B H6     1 
ATOM 670 P P      . DG B 1 10 ? 13.435  -5.953  -1.376  1.00 0.00 ? 22 DG B P      1 
ATOM 671 O OP1    . DG B 1 10 ? 13.610  -7.134  -2.251  1.00 0.00 ? 22 DG B OP1    1 
ATOM 672 O OP2    . DG B 1 10 ? 14.470  -5.635  -0.367  1.00 0.00 ? 22 DG B OP2    1 
ATOM 673 O "O5'"  . DG B 1 10 ? 13.247  -4.649  -2.324  1.00 0.00 ? 22 DG B "O5'"  1 
ATOM 674 C "C5'"  . DG B 1 10 ? 12.616  -4.727  -3.589  1.00 0.00 ? 22 DG B "C5'"  1 
ATOM 675 C "C4'"  . DG B 1 10 ? 12.491  -3.352  -4.269  1.00 0.00 ? 22 DG B "C4'"  1 
ATOM 676 O "O4'"  . DG B 1 10 ? 11.529  -2.483  -3.659  1.00 0.00 ? 22 DG B "O4'"  1 
ATOM 677 C "C3'"  . DG B 1 10 ? 13.818  -2.576  -4.309  1.00 0.00 ? 22 DG B "C3'"  1 
ATOM 678 O "O3'"  . DG B 1 10 ? 14.159  -2.262  -5.660  1.00 0.00 ? 22 DG B "O3'"  1 
ATOM 679 C "C2'"  . DG B 1 10 ? 13.501  -1.346  -3.499  1.00 0.00 ? 22 DG B "C2'"  1 
ATOM 680 C "C1'"  . DG B 1 10 ? 12.030  -1.153  -3.740  1.00 0.00 ? 22 DG B "C1'"  1 
ATOM 681 N N9     . DG B 1 10 ? 11.438  -0.188  -2.788  1.00 0.00 ? 22 DG B N9     1 
ATOM 682 C C8     . DG B 1 10 ? 11.421  -0.219  -1.419  1.00 0.00 ? 22 DG B C8     1 
ATOM 683 N N7     . DG B 1 10 ? 10.899  0.834   -0.861  1.00 0.00 ? 22 DG B N7     1 
ATOM 684 C C5     . DG B 1 10 ? 10.512  1.619   -1.937  1.00 0.00 ? 22 DG B C5     1 
ATOM 685 C C6     . DG B 1 10 ? 9.843   2.880   -1.961  1.00 0.00 ? 22 DG B C6     1 
ATOM 686 O O6     . DG B 1 10 ? 9.406   3.517   -1.008  1.00 0.00 ? 22 DG B O6     1 
ATOM 687 N N1     . DG B 1 10 ? 9.714   3.387   -3.252  1.00 0.00 ? 22 DG B N1     1 
ATOM 688 C C2     . DG B 1 10 ? 10.169  2.747   -4.390  1.00 0.00 ? 22 DG B C2     1 
ATOM 689 N N2     . DG B 1 10 ? 10.007  3.376   -5.557  1.00 0.00 ? 22 DG B N2     1 
ATOM 690 N N3     . DG B 1 10 ? 10.756  1.542   -4.371  1.00 0.00 ? 22 DG B N3     1 
ATOM 691 C C4     . DG B 1 10 ? 10.890  1.029   -3.119  1.00 0.00 ? 22 DG B C4     1 
ATOM 692 H "H5'"  . DG B 1 10 ? 11.630  -5.180  -3.505  1.00 0.00 ? 22 DG B "H5'"  1 
ATOM 693 H "H5''" . DG B 1 10 ? 13.227  -5.360  -4.235  1.00 0.00 ? 22 DG B "H5''" 1 
ATOM 694 H "H4'"  . DG B 1 10 ? 12.168  -3.575  -5.290  1.00 0.00 ? 22 DG B "H4'"  1 
ATOM 695 H "H3'"  . DG B 1 10 ? 14.637  -3.026  -3.765  1.00 0.00 ? 22 DG B "H3'"  1 
ATOM 696 H "H2'"  . DG B 1 10 ? 13.708  -1.480  -2.433  1.00 0.00 ? 22 DG B "H2'"  1 
ATOM 697 H "H2''" . DG B 1 10 ? 14.069  -0.568  -3.954  1.00 0.00 ? 22 DG B "H2''" 1 
ATOM 698 H "H1'"  . DG B 1 10 ? 11.985  -0.708  -4.728  1.00 0.00 ? 22 DG B "H1'"  1 
ATOM 699 H H8     . DG B 1 10 ? 11.805  -1.042  -0.845  1.00 0.00 ? 22 DG B H8     1 
ATOM 700 H H1     . DG B 1 10 ? 9.264   4.289   -3.344  1.00 0.00 ? 22 DG B H1     1 
ATOM 701 H H21    . DG B 1 10 ? 9.575   4.289   -5.592  1.00 0.00 ? 22 DG B H21    1 
ATOM 702 H H22    . DG B 1 10 ? 10.336  2.939   -6.405  1.00 0.00 ? 22 DG B H22    1 
ATOM 703 P P      . DC B 1 11 ? 15.518  -1.465  -6.079  1.00 0.00 ? 23 DC B P      1 
ATOM 704 O OP1    . DC B 1 11 ? 15.949  -1.980  -7.397  1.00 0.00 ? 23 DC B OP1    1 
ATOM 705 O OP2    . DC B 1 11 ? 16.456  -1.523  -4.936  1.00 0.00 ? 23 DC B OP2    1 
ATOM 706 O "O5'"  . DC B 1 11 ? 15.068  0.089   -6.266  1.00 0.00 ? 23 DC B "O5'"  1 
ATOM 707 C "C5'"  . DC B 1 11 ? 14.531  0.563   -7.492  1.00 0.00 ? 23 DC B "C5'"  1 
ATOM 708 C "C4'"  . DC B 1 11 ? 14.303  2.085   -7.521  1.00 0.00 ? 23 DC B "C4'"  1 
ATOM 709 O "O4'"  . DC B 1 11 ? 13.471  2.567   -6.468  1.00 0.00 ? 23 DC B "O4'"  1 
ATOM 710 C "C3'"  . DC B 1 11 ? 15.605  2.889   -7.453  1.00 0.00 ? 23 DC B "C3'"  1 
ATOM 711 O "O3'"  . DC B 1 11 ? 15.557  3.854   -8.506  1.00 0.00 ? 23 DC B "O3'"  1 
ATOM 712 C "C2'"  . DC B 1 11 ? 15.569  3.537   -6.070  1.00 0.00 ? 23 DC B "C2'"  1 
ATOM 713 C "C1'"  . DC B 1 11 ? 14.055  3.727   -5.873  1.00 0.00 ? 23 DC B "C1'"  1 
ATOM 714 N N1     . DC B 1 11 ? 13.608  3.810   -4.442  1.00 0.00 ? 23 DC B N1     1 
ATOM 715 C C2     . DC B 1 11 ? 12.771  4.877   -4.087  1.00 0.00 ? 23 DC B C2     1 
ATOM 716 O O2     . DC B 1 11 ? 12.381  5.705   -4.907  1.00 0.00 ? 23 DC B O2     1 
ATOM 717 N N3     . DC B 1 11 ? 12.387  5.009   -2.789  1.00 0.00 ? 23 DC B N3     1 
ATOM 718 C C4     . DC B 1 11 ? 12.771  4.131   -1.857  1.00 0.00 ? 23 DC B C4     1 
ATOM 719 N N4     . DC B 1 11 ? 12.370  4.333   -0.598  1.00 0.00 ? 23 DC B N4     1 
ATOM 720 C C5     . DC B 1 11 ? 13.511  2.953   -2.209  1.00 0.00 ? 23 DC B C5     1 
ATOM 721 C C6     . DC B 1 11 ? 13.902  2.829   -3.503  1.00 0.00 ? 23 DC B C6     1 
ATOM 722 H "H5'"  . DC B 1 11 ? 13.595  0.058   -7.721  1.00 0.00 ? 23 DC B "H5'"  1 
ATOM 723 H "H5''" . DC B 1 11 ? 15.231  0.331   -8.297  1.00 0.00 ? 23 DC B "H5''" 1 
ATOM 724 H "H4'"  . DC B 1 11 ? 13.815  2.255   -8.487  1.00 0.00 ? 23 DC B "H4'"  1 
ATOM 725 H "H3'"  . DC B 1 11 ? 16.480  2.248   -7.530  1.00 0.00 ? 23 DC B "H3'"  1 
ATOM 726 H "H2'"  . DC B 1 11 ? 15.961  2.840   -5.290  1.00 0.00 ? 23 DC B "H2'"  1 
ATOM 727 H "H2''" . DC B 1 11 ? 16.141  4.478   -6.201  1.00 0.00 ? 23 DC B "H2''" 1 
ATOM 728 H "H1'"  . DC B 1 11 ? 13.787  4.657   -6.412  1.00 0.00 ? 23 DC B "H1'"  1 
ATOM 729 H H41    . DC B 1 11 ? 11.798  5.142   -0.396  1.00 0.00 ? 23 DC B H41    1 
ATOM 730 H H42    . DC B 1 11 ? 12.591  3.663   0.124   1.00 0.00 ? 23 DC B H42    1 
ATOM 731 H H5     . DC B 1 11 ? 13.740  2.171   -1.498  1.00 0.00 ? 23 DC B H5     1 
ATOM 732 H H6     . DC B 1 11 ? 14.437  1.912   -3.745  1.00 0.00 ? 23 DC B H6     1 
ATOM 733 P P      . DG B 1 12 ? 16.731  4.939   -8.798  1.00 0.00 ? 24 DG B P      1 
ATOM 734 O OP1    . DG B 1 12 ? 16.748  5.208   -10.253 1.00 0.00 ? 24 DG B OP1    1 
ATOM 735 O OP2    . DG B 1 12 ? 17.967  4.480   -8.125  1.00 0.00 ? 24 DG B OP2    1 
ATOM 736 O "O5'"  . DG B 1 12 ? 16.218  6.282   -8.042  1.00 0.00 ? 24 DG B "O5'"  1 
ATOM 737 C "C5'"  . DG B 1 12 ? 15.404  7.238   -8.703  1.00 0.00 ? 24 DG B "C5'"  1 
ATOM 738 C "C4'"  . DG B 1 12 ? 15.035  8.424   -7.799  1.00 0.00 ? 24 DG B "C4'"  1 
ATOM 739 O "O4'"  . DG B 1 12 ? 14.347  8.034   -6.611  1.00 0.00 ? 24 DG B "O4'"  1 
ATOM 740 C "C3'"  . DG B 1 12 ? 16.262  9.232   -7.351  1.00 0.00 ? 24 DG B "C3'"  1 
ATOM 741 O "O3'"  . DG B 1 12 ? 16.160  10.570  -7.792  1.00 0.00 ? 24 DG B "O3'"  1 
ATOM 742 C "C2'"  . DG B 1 12 ? 16.209  9.186   -5.828  1.00 0.00 ? 24 DG B "C2'"  1 
ATOM 743 C "C1'"  . DG B 1 12 ? 14.739  8.898   -5.547  1.00 0.00 ? 24 DG B "C1'"  1 
ATOM 744 N N9     . DG B 1 12 ? 14.572  8.257   -4.219  1.00 0.00 ? 24 DG B N9     1 
ATOM 745 C C8     . DG B 1 12 ? 15.106  7.079   -3.773  1.00 0.00 ? 24 DG B C8     1 
ATOM 746 N N7     . DG B 1 12 ? 14.816  6.779   -2.540  1.00 0.00 ? 24 DG B N7     1 
ATOM 747 C C5     . DG B 1 12 ? 14.011  7.833   -2.129  1.00 0.00 ? 24 DG B C5     1 
ATOM 748 C C6     . DG B 1 12 ? 13.346  8.045   -0.882  1.00 0.00 ? 24 DG B C6     1 
ATOM 749 O O6     . DG B 1 12 ? 13.271  7.283   0.081   1.00 0.00 ? 24 DG B O6     1 
ATOM 750 N N1     . DG B 1 12 ? 12.676  9.266   -0.847  1.00 0.00 ? 24 DG B N1     1 
ATOM 751 C C2     . DG B 1 12 ? 12.618  10.161  -1.900  1.00 0.00 ? 24 DG B C2     1 
ATOM 752 N N2     . DG B 1 12 ? 11.899  11.273  -1.719  1.00 0.00 ? 24 DG B N2     1 
ATOM 753 N N3     . DG B 1 12 ? 13.210  9.943   -3.084  1.00 0.00 ? 24 DG B N3     1 
ATOM 754 C C4     . DG B 1 12 ? 13.887  8.763   -3.137  1.00 0.00 ? 24 DG B C4     1 
ATOM 755 H "H5'"  . DG B 1 12 ? 14.493  6.777   -9.085  1.00 0.00 ? 24 DG B "H5'"  1 
ATOM 756 H "H5''" . DG B 1 12 ? 15.956  7.635   -9.556  1.00 0.00 ? 24 DG B "H5''" 1 
ATOM 757 H "H4'"  . DG B 1 12 ? 14.388  9.053   -8.419  1.00 0.00 ? 24 DG B "H4'"  1 
ATOM 758 H "H3'"  . DG B 1 12 ? 17.195  8.789   -7.701  1.00 0.00 ? 24 DG B "H3'"  1 
ATOM 759 H "HO3'" . DG B 1 12 ? 16.187  10.578  -8.752  1.00 0.00 ? 24 DG B "HO3'" 1 
ATOM 760 H "H2'"  . DG B 1 12 ? 16.837  8.364   -5.484  1.00 0.00 ? 24 DG B "H2'"  1 
ATOM 761 H "H2''" . DG B 1 12 ? 16.523  10.122  -5.367  1.00 0.00 ? 24 DG B "H2''" 1 
ATOM 762 H "H1'"  . DG B 1 12 ? 14.191  9.844   -5.561  1.00 0.00 ? 24 DG B "H1'"  1 
ATOM 763 H H8     . DG B 1 12 ? 15.717  6.455   -4.396  1.00 0.00 ? 24 DG B H8     1 
ATOM 764 H H1     . DG B 1 12 ? 12.159  9.467   0.000   1.00 0.00 ? 24 DG B H1     1 
ATOM 765 H H21    . DG B 1 12 ? 11.441  11.441  -0.833  1.00 0.00 ? 24 DG B H21    1 
ATOM 766 H H22    . DG B 1 12 ? 11.802  11.933  -2.476  1.00 0.00 ? 24 DG B H22    1 
# 
